data_3K53
#
_entry.id   3K53
#
_cell.length_a   55.256
_cell.length_b   106.108
_cell.length_c   253.892
_cell.angle_alpha   90.00
_cell.angle_beta   90.00
_cell.angle_gamma   90.00
#
_symmetry.space_group_name_H-M   'P 21 21 21'
#
loop_
_entity.id
_entity.type
_entity.pdbx_description
1 polymer 'Ferrous iron transport protein b'
2 water water
#
_entity_poly.entity_id   1
_entity_poly.type   'polypeptide(L)'
_entity_poly.pdbx_seq_one_letter_code
;MVLKTVALVGNPNVGKTTIFNALTGLRQHVGNWPGVTVEKKEGIMEYREKEFLVVDLPGIYSLTAHSIDELIARNFILDG
NADVIVDIVDSTCLMRNLFLTLELFEMEVKNIILVLNKFDLLKKKGAKIDIKKMRKELGVPVIPTNAKKGEGVEELKRMI
ALMAEGKVTTNPIIPRYDEDIEREIKHISELLRGTPLAEKYPIRWLALKLLQRDEEVIKLVLKYLGQEKMDEILKHISEL
EEKYKRPLDIVIASQKYEFLEQLLRKFVVHE
;
_entity_poly.pdbx_strand_id   A,B,C,D
#
# COMPACT_ATOMS: atom_id res chain seq x y z
N MET A 1 34.24 58.53 16.80
CA MET A 1 34.39 57.66 15.59
C MET A 1 34.12 58.47 14.29
N VAL A 2 34.81 58.10 13.21
CA VAL A 2 34.60 58.76 11.93
C VAL A 2 33.34 58.12 11.36
N LEU A 3 32.66 58.80 10.45
CA LEU A 3 31.44 58.27 9.88
C LEU A 3 31.66 56.95 9.14
N LYS A 4 31.17 55.86 9.72
CA LYS A 4 31.28 54.54 9.11
C LYS A 4 29.98 54.25 8.35
N THR A 5 30.09 53.58 7.21
CA THR A 5 28.91 53.27 6.42
C THR A 5 28.49 51.82 6.57
N VAL A 6 27.19 51.58 6.53
CA VAL A 6 26.69 50.24 6.61
C VAL A 6 25.71 50.06 5.49
N ALA A 7 25.97 49.06 4.65
CA ALA A 7 25.13 48.76 3.49
C ALA A 7 24.27 47.52 3.72
N LEU A 8 22.98 47.60 3.43
CA LEU A 8 22.12 46.44 3.59
C LEU A 8 21.83 45.86 2.21
N VAL A 9 22.07 44.57 2.03
CA VAL A 9 21.86 43.95 0.73
C VAL A 9 21.13 42.61 0.92
N GLY A 10 20.27 42.25 -0.03
CA GLY A 10 19.55 40.98 0.09
C GLY A 10 18.47 40.85 -0.95
N ASN A 11 17.71 39.75 -0.93
CA ASN A 11 16.62 39.60 -1.89
C ASN A 11 15.47 40.54 -1.54
N PRO A 12 14.51 40.73 -2.45
CA PRO A 12 13.39 41.62 -2.13
C PRO A 12 12.52 40.90 -1.11
N ASN A 13 11.80 41.64 -0.28
CA ASN A 13 10.94 41.03 0.73
C ASN A 13 11.61 39.92 1.53
N VAL A 14 12.47 40.30 2.46
CA VAL A 14 13.19 39.36 3.30
C VAL A 14 13.27 40.02 4.66
N GLY A 15 12.95 41.31 4.68
CA GLY A 15 12.98 42.06 5.91
C GLY A 15 13.98 43.18 5.83
N LYS A 16 14.71 43.24 4.70
CA LYS A 16 15.71 44.29 4.50
C LYS A 16 15.12 45.66 4.86
N THR A 17 13.93 45.97 4.38
CA THR A 17 13.33 47.27 4.72
C THR A 17 13.00 47.41 6.21
N THR A 18 12.54 46.32 6.82
CA THR A 18 12.20 46.30 8.24
C THR A 18 13.45 46.47 9.09
N ILE A 19 14.55 45.85 8.66
CA ILE A 19 15.80 45.96 9.38
C ILE A 19 16.23 47.42 9.23
N PHE A 20 16.12 47.95 8.01
CA PHE A 20 16.52 49.34 7.75
C PHE A 20 15.78 50.31 8.65
N ASN A 21 14.49 50.08 8.86
CA ASN A 21 13.73 50.96 9.72
C ASN A 21 14.10 50.79 11.17
N ALA A 22 14.35 49.55 11.59
CA ALA A 22 14.73 49.30 12.97
C ALA A 22 16.06 49.96 13.29
N LEU A 23 16.98 49.92 12.33
CA LEU A 23 18.30 50.50 12.55
C LEU A 23 18.38 52.02 12.43
N THR A 24 17.52 52.61 11.61
CA THR A 24 17.60 54.06 11.43
C THR A 24 16.50 54.85 12.06
N GLY A 25 15.52 54.18 12.66
CA GLY A 25 14.43 54.92 13.26
C GLY A 25 13.86 55.79 12.14
N LEU A 26 13.49 57.02 12.43
CA LEU A 26 12.98 57.83 11.34
C LEU A 26 14.02 58.77 10.76
N ARG A 27 15.26 58.59 11.18
CA ARG A 27 16.35 59.42 10.67
C ARG A 27 16.77 58.89 9.30
N GLN A 28 15.84 58.95 8.35
CA GLN A 28 16.08 58.47 6.99
C GLN A 28 16.02 59.62 5.99
N HIS A 29 16.64 59.43 4.85
CA HIS A 29 16.63 60.42 3.78
C HIS A 29 16.28 59.66 2.51
N VAL A 30 15.38 60.20 1.70
CA VAL A 30 15.03 59.52 0.47
C VAL A 30 15.54 60.34 -0.70
N GLY A 31 16.17 59.66 -1.65
CA GLY A 31 16.71 60.34 -2.82
C GLY A 31 16.86 59.27 -3.88
N ASN A 32 17.66 59.49 -4.90
CA ASN A 32 17.80 58.46 -5.91
C ASN A 32 19.21 58.29 -6.41
N TRP A 33 19.51 57.06 -6.83
CA TRP A 33 20.83 56.72 -7.34
C TRP A 33 21.17 57.49 -8.61
N PRO A 34 22.41 58.00 -8.69
CA PRO A 34 22.93 58.78 -9.81
C PRO A 34 22.44 58.37 -11.19
N GLY A 35 22.00 59.36 -11.97
CA GLY A 35 21.52 59.11 -13.32
C GLY A 35 20.66 57.88 -13.58
N VAL A 36 19.76 57.57 -12.65
CA VAL A 36 18.82 56.45 -12.78
C VAL A 36 17.60 56.74 -11.91
N THR A 37 16.48 56.13 -12.29
CA THR A 37 15.23 56.32 -11.56
C THR A 37 15.23 55.63 -10.20
N VAL A 38 15.96 54.53 -10.10
CA VAL A 38 16.07 53.76 -8.86
C VAL A 38 16.19 54.61 -7.59
N GLU A 39 15.27 54.40 -6.65
CA GLU A 39 15.27 55.12 -5.38
C GLU A 39 16.41 54.67 -4.46
N LYS A 40 17.01 55.64 -3.76
CA LYS A 40 18.10 55.37 -2.83
C LYS A 40 17.73 55.84 -1.43
N LYS A 41 17.62 54.90 -0.49
CA LYS A 41 17.26 55.23 0.89
C LYS A 41 18.50 55.11 1.77
N GLU A 42 18.64 56.02 2.73
CA GLU A 42 19.77 55.98 3.63
C GLU A 42 19.38 56.68 4.93
N GLY A 43 20.03 56.33 6.04
CA GLY A 43 19.68 56.96 7.29
C GLY A 43 20.75 56.81 8.35
N ILE A 44 20.54 57.40 9.52
CA ILE A 44 21.53 57.28 10.56
C ILE A 44 21.23 56.24 11.63
N MET A 45 22.20 55.35 11.87
CA MET A 45 22.08 54.33 12.90
C MET A 45 22.93 54.79 14.07
N GLU A 46 22.42 54.65 15.29
CA GLU A 46 23.18 55.07 16.47
C GLU A 46 23.45 53.92 17.42
N TYR A 47 24.61 53.95 18.04
CA TYR A 47 25.02 52.92 18.97
C TYR A 47 26.05 53.48 19.95
N ARG A 48 25.62 53.69 21.20
CA ARG A 48 26.51 54.21 22.21
C ARG A 48 27.12 55.52 21.71
N GLU A 49 26.24 56.36 21.14
CA GLU A 49 26.61 57.66 20.60
C GLU A 49 27.40 57.65 19.32
N LYS A 50 27.81 56.48 18.84
CA LYS A 50 28.55 56.45 17.57
C LYS A 50 27.49 56.53 16.47
N GLU A 51 27.77 57.24 15.39
CA GLU A 51 26.79 57.34 14.31
C GLU A 51 27.22 56.60 13.06
N PHE A 52 26.28 55.90 12.46
CA PHE A 52 26.58 55.13 11.26
C PHE A 52 25.65 55.54 10.15
N LEU A 53 26.14 55.46 8.92
CA LEU A 53 25.33 55.81 7.78
C LEU A 53 24.91 54.53 7.06
N VAL A 54 23.66 54.12 7.26
CA VAL A 54 23.13 52.92 6.63
C VAL A 54 22.57 53.25 5.27
N VAL A 55 22.95 52.45 4.29
CA VAL A 55 22.48 52.63 2.92
C VAL A 55 21.78 51.34 2.53
N ASP A 56 20.55 51.45 2.08
CA ASP A 56 19.77 50.28 1.69
C ASP A 56 19.90 50.07 0.18
N LEU A 57 20.51 48.99 -0.24
CA LEU A 57 20.65 48.76 -1.67
C LEU A 57 19.42 48.03 -2.19
N PRO A 58 19.00 48.35 -3.42
CA PRO A 58 17.83 47.69 -3.98
C PRO A 58 17.91 46.17 -3.82
N GLY A 59 16.78 45.53 -3.53
CA GLY A 59 16.78 44.08 -3.38
C GLY A 59 17.22 43.38 -4.66
N ILE A 60 18.02 42.33 -4.51
CA ILE A 60 18.55 41.59 -5.65
C ILE A 60 18.70 40.09 -5.32
N TYR A 61 18.78 39.26 -6.37
CA TYR A 61 18.93 37.81 -6.22
C TYR A 61 20.30 37.32 -6.61
N SER A 62 21.13 38.23 -7.12
CA SER A 62 22.49 37.92 -7.53
C SER A 62 23.25 39.20 -7.86
N LEU A 63 24.45 39.06 -8.40
CA LEU A 63 25.26 40.23 -8.74
C LEU A 63 25.80 40.17 -10.17
N THR A 64 24.93 39.86 -11.12
CA THR A 64 25.31 39.78 -12.53
C THR A 64 25.35 41.19 -13.08
N ALA A 65 25.40 41.29 -14.40
CA ALA A 65 25.45 42.58 -15.09
C ALA A 65 24.08 42.89 -15.66
N HIS A 66 23.25 41.86 -15.70
CA HIS A 66 21.90 41.92 -16.24
C HIS A 66 20.87 42.95 -15.77
N SER A 67 21.16 43.74 -14.74
CA SER A 67 20.16 44.72 -14.31
C SER A 67 20.70 45.94 -13.55
N ILE A 68 19.98 47.04 -13.63
CA ILE A 68 20.37 48.26 -12.95
C ILE A 68 20.62 47.98 -11.48
N ASP A 69 19.63 47.39 -10.82
CA ASP A 69 19.75 47.10 -9.40
C ASP A 69 20.99 46.29 -9.03
N GLU A 70 21.29 45.23 -9.78
CA GLU A 70 22.45 44.42 -9.44
C GLU A 70 23.74 45.22 -9.61
N LEU A 71 23.78 46.06 -10.64
CA LEU A 71 24.97 46.86 -10.88
C LEU A 71 25.16 47.93 -9.81
N ILE A 72 24.06 48.40 -9.22
CA ILE A 72 24.16 49.41 -8.18
C ILE A 72 24.84 48.80 -6.95
N ALA A 73 24.42 47.59 -6.58
CA ALA A 73 25.01 46.90 -5.43
C ALA A 73 26.45 46.54 -5.77
N ARG A 74 26.62 45.99 -6.96
CA ARG A 74 27.94 45.61 -7.46
C ARG A 74 28.93 46.74 -7.27
N ASN A 75 28.64 47.89 -7.86
CA ASN A 75 29.53 49.04 -7.81
C ASN A 75 29.69 49.62 -6.42
N PHE A 76 28.58 49.85 -5.72
CA PHE A 76 28.66 50.44 -4.39
C PHE A 76 29.62 49.67 -3.49
N ILE A 77 29.52 48.35 -3.50
CA ILE A 77 30.39 47.53 -2.68
C ILE A 77 31.83 47.50 -3.18
N LEU A 78 32.00 47.16 -4.46
CA LEU A 78 33.34 47.06 -5.05
C LEU A 78 34.20 48.32 -5.02
N ASP A 79 33.57 49.48 -5.06
CA ASP A 79 34.31 50.73 -5.05
C ASP A 79 34.61 51.20 -3.62
N GLY A 80 34.42 50.28 -2.68
CA GLY A 80 34.67 50.55 -1.29
C GLY A 80 33.80 51.56 -0.56
N ASN A 81 32.53 51.62 -0.90
CA ASN A 81 31.69 52.57 -0.19
C ASN A 81 31.09 52.00 1.07
N ALA A 82 31.37 50.72 1.32
CA ALA A 82 30.80 50.05 2.48
C ALA A 82 31.80 49.58 3.52
N ASP A 83 31.72 50.19 4.70
CA ASP A 83 32.58 49.81 5.81
C ASP A 83 32.09 48.48 6.36
N VAL A 84 30.78 48.29 6.37
CA VAL A 84 30.19 47.07 6.86
C VAL A 84 29.09 46.66 5.90
N ILE A 85 28.98 45.37 5.63
CA ILE A 85 27.95 44.88 4.73
C ILE A 85 27.05 43.88 5.44
N VAL A 86 25.78 44.26 5.62
CA VAL A 86 24.83 43.38 6.28
C VAL A 86 23.99 42.65 5.27
N ASP A 87 24.16 41.34 5.17
CA ASP A 87 23.41 40.53 4.23
C ASP A 87 22.16 39.93 4.89
N ILE A 88 20.97 40.46 4.55
CA ILE A 88 19.71 39.98 5.13
C ILE A 88 19.16 38.81 4.35
N VAL A 89 18.87 37.73 5.05
CA VAL A 89 18.40 36.49 4.45
C VAL A 89 17.13 35.96 5.06
N ASP A 90 16.25 35.41 4.23
CA ASP A 90 15.03 34.84 4.77
C ASP A 90 15.37 33.43 5.20
N SER A 91 15.27 33.17 6.51
CA SER A 91 15.59 31.86 7.06
C SER A 91 14.74 30.72 6.53
N THR A 92 13.55 31.04 6.03
CA THR A 92 12.65 30.01 5.52
C THR A 92 12.86 29.63 4.06
N CYS A 93 13.88 30.19 3.40
CA CYS A 93 14.12 29.89 2.00
C CYS A 93 15.62 30.07 1.72
N LEU A 94 16.45 29.33 2.45
CA LEU A 94 17.91 29.44 2.33
C LEU A 94 18.55 29.27 0.97
N MET A 95 18.26 28.17 0.26
CA MET A 95 18.84 27.94 -1.06
C MET A 95 18.77 29.20 -1.92
N ARG A 96 17.56 29.69 -2.22
CA ARG A 96 17.42 30.90 -3.04
C ARG A 96 18.32 32.02 -2.49
N ASN A 97 18.07 32.40 -1.25
CA ASN A 97 18.82 33.47 -0.60
C ASN A 97 20.33 33.35 -0.55
N LEU A 98 20.85 32.18 -0.22
CA LEU A 98 22.30 32.00 -0.09
C LEU A 98 23.09 32.13 -1.37
N PHE A 99 22.42 32.02 -2.52
CA PHE A 99 23.12 32.17 -3.78
C PHE A 99 23.75 33.57 -3.75
N LEU A 100 22.92 34.56 -3.44
CA LEU A 100 23.41 35.93 -3.36
C LEU A 100 24.53 36.05 -2.32
N THR A 101 24.44 35.26 -1.26
CA THR A 101 25.47 35.34 -0.24
C THR A 101 26.81 34.85 -0.78
N LEU A 102 26.78 33.77 -1.57
CA LEU A 102 28.00 33.23 -2.15
C LEU A 102 28.65 34.24 -3.10
N GLU A 103 27.82 35.01 -3.78
CA GLU A 103 28.34 36.02 -4.70
C GLU A 103 29.11 37.08 -3.92
N LEU A 104 28.51 37.61 -2.87
CA LEU A 104 29.19 38.64 -2.09
C LEU A 104 30.54 38.09 -1.61
N PHE A 105 30.55 36.84 -1.21
CA PHE A 105 31.79 36.25 -0.75
C PHE A 105 32.81 36.25 -1.87
N GLU A 106 32.38 35.92 -3.08
CA GLU A 106 33.28 35.86 -4.21
C GLU A 106 33.83 37.22 -4.60
N MET A 107 33.19 38.30 -4.17
CA MET A 107 33.69 39.64 -4.48
C MET A 107 34.80 39.94 -3.45
N GLU A 108 35.24 38.89 -2.77
CA GLU A 108 36.30 39.00 -1.77
C GLU A 108 35.93 39.94 -0.64
N VAL A 109 34.65 40.21 -0.50
CA VAL A 109 34.18 41.07 0.58
C VAL A 109 34.56 40.33 1.85
N LYS A 110 34.97 41.05 2.88
CA LYS A 110 35.37 40.39 4.12
C LYS A 110 34.59 40.91 5.34
N ASN A 111 34.29 42.20 5.32
CA ASN A 111 33.58 42.87 6.39
C ASN A 111 32.06 42.64 6.30
N ILE A 112 31.66 41.37 6.27
CA ILE A 112 30.26 41.04 6.11
C ILE A 112 29.61 40.33 7.28
N ILE A 113 28.33 40.61 7.49
CA ILE A 113 27.56 40.02 8.56
C ILE A 113 26.30 39.42 7.96
N LEU A 114 26.03 38.15 8.25
CA LEU A 114 24.85 37.49 7.71
C LEU A 114 23.75 37.53 8.76
N VAL A 115 22.56 37.97 8.34
CA VAL A 115 21.41 38.08 9.22
C VAL A 115 20.30 37.11 8.87
N LEU A 116 20.11 36.08 9.68
CA LEU A 116 19.05 35.10 9.44
C LEU A 116 17.74 35.68 9.96
N ASN A 117 16.96 36.28 9.08
CA ASN A 117 15.70 36.88 9.49
C ASN A 117 14.53 35.94 9.36
N LYS A 118 13.42 36.31 9.99
CA LYS A 118 12.23 35.47 10.00
C LYS A 118 12.58 34.13 10.65
N PHE A 119 13.40 34.21 11.70
CA PHE A 119 13.84 33.03 12.42
C PHE A 119 12.67 32.41 13.17
N ASP A 120 11.67 33.23 13.50
CA ASP A 120 10.49 32.74 14.20
C ASP A 120 9.75 31.76 13.30
N LEU A 121 9.45 32.18 12.09
CA LEU A 121 8.74 31.33 11.12
C LEU A 121 9.52 30.05 10.85
N LEU A 122 10.81 30.07 11.18
CA LEU A 122 11.68 28.93 10.97
C LEU A 122 11.33 27.80 11.94
N LYS A 123 11.74 27.99 13.19
CA LYS A 123 11.51 27.02 14.27
C LYS A 123 10.02 26.69 14.43
N LYS A 124 9.17 27.43 13.71
CA LYS A 124 7.72 27.21 13.74
C LYS A 124 7.37 26.01 12.84
N LYS A 125 7.56 26.17 11.53
CA LYS A 125 7.28 25.10 10.58
C LYS A 125 8.05 23.86 11.00
N GLY A 126 8.95 24.02 11.98
CA GLY A 126 9.73 22.91 12.47
C GLY A 126 11.04 22.70 11.75
N ALA A 127 11.69 23.79 11.35
CA ALA A 127 12.97 23.73 10.65
C ALA A 127 14.07 23.71 11.72
N LYS A 128 15.30 23.42 11.31
CA LYS A 128 16.40 23.32 12.27
C LYS A 128 17.75 23.86 11.81
N ILE A 129 18.06 25.10 12.14
CA ILE A 129 19.36 25.64 11.73
C ILE A 129 20.34 25.69 12.88
N ASP A 130 21.49 25.04 12.71
CA ASP A 130 22.54 25.00 13.73
C ASP A 130 23.44 26.23 13.60
N ILE A 131 22.94 27.39 14.04
CA ILE A 131 23.68 28.64 13.97
C ILE A 131 25.18 28.57 14.27
N LYS A 132 25.56 27.81 15.30
CA LYS A 132 26.97 27.71 15.67
C LYS A 132 27.80 27.11 14.53
N LYS A 133 27.28 26.03 13.95
CA LYS A 133 27.97 25.36 12.86
C LYS A 133 27.95 26.21 11.58
N MET A 134 26.83 26.87 11.32
CA MET A 134 26.69 27.72 10.14
C MET A 134 27.76 28.83 10.17
N ARG A 135 27.95 29.45 11.33
CA ARG A 135 28.94 30.51 11.45
C ARG A 135 30.32 29.96 11.19
N LYS A 136 30.59 28.77 11.71
CA LYS A 136 31.91 28.18 11.52
C LYS A 136 32.12 27.85 10.04
N GLU A 137 31.06 27.35 9.41
CA GLU A 137 31.07 26.97 8.00
C GLU A 137 31.20 28.11 7.02
N LEU A 138 30.34 29.13 7.13
CA LEU A 138 30.38 30.25 6.20
C LEU A 138 31.53 31.20 6.45
N GLY A 139 32.01 31.27 7.67
CA GLY A 139 33.12 32.15 7.95
C GLY A 139 32.75 33.58 8.30
N VAL A 140 31.46 33.83 8.56
CA VAL A 140 31.01 35.17 8.94
C VAL A 140 30.06 35.13 10.14
N PRO A 141 29.94 36.24 10.87
CA PRO A 141 29.01 36.15 12.00
C PRO A 141 27.59 35.92 11.47
N VAL A 142 26.76 35.30 12.29
CA VAL A 142 25.38 34.99 11.91
C VAL A 142 24.40 35.39 13.00
N ILE A 143 23.57 36.39 12.73
CA ILE A 143 22.63 36.84 13.72
C ILE A 143 21.18 36.55 13.36
N PRO A 144 20.50 35.76 14.19
CA PRO A 144 19.08 35.41 13.98
C PRO A 144 18.28 36.64 14.38
N THR A 145 17.23 36.95 13.64
CA THR A 145 16.40 38.10 13.94
C THR A 145 14.96 37.83 13.53
N ASN A 146 14.10 38.72 14.01
CA ASN A 146 12.68 38.69 13.70
C ASN A 146 12.33 40.16 13.56
N ALA A 147 12.86 40.77 12.50
CA ALA A 147 12.68 42.18 12.22
C ALA A 147 11.41 42.83 12.76
N LYS A 148 10.26 42.34 12.32
CA LYS A 148 8.97 42.86 12.73
C LYS A 148 8.81 42.96 14.25
N LYS A 149 9.23 41.93 14.98
CA LYS A 149 9.11 41.96 16.44
C LYS A 149 10.28 42.73 17.09
N GLY A 150 11.31 43.01 16.30
CA GLY A 150 12.46 43.75 16.81
C GLY A 150 13.51 42.91 17.52
N GLU A 151 13.34 41.60 17.46
CA GLU A 151 14.26 40.70 18.13
C GLU A 151 15.56 40.42 17.38
N GLY A 152 16.68 40.70 18.04
CA GLY A 152 17.98 40.47 17.43
C GLY A 152 18.59 41.74 16.87
N VAL A 153 17.73 42.74 16.64
CA VAL A 153 18.21 43.99 16.09
C VAL A 153 19.31 44.62 16.94
N GLU A 154 19.12 44.65 18.25
CA GLU A 154 20.11 45.23 19.16
C GLU A 154 21.40 44.41 19.09
N GLU A 155 21.27 43.10 18.94
CA GLU A 155 22.45 42.26 18.84
C GLU A 155 23.13 42.53 17.49
N LEU A 156 22.33 42.96 16.51
CA LEU A 156 22.87 43.26 15.18
C LEU A 156 23.72 44.54 15.21
N LYS A 157 23.24 45.55 15.91
CA LYS A 157 23.98 46.80 16.05
C LYS A 157 25.32 46.54 16.71
N ARG A 158 25.28 45.71 17.75
CA ARG A 158 26.47 45.36 18.51
C ARG A 158 27.53 44.81 17.56
N MET A 159 27.16 43.82 16.75
CA MET A 159 28.08 43.21 15.81
C MET A 159 28.53 44.23 14.79
N ILE A 160 27.59 45.01 14.25
CA ILE A 160 27.96 46.02 13.27
C ILE A 160 29.02 46.94 13.85
N ALA A 161 28.74 47.56 14.98
CA ALA A 161 29.69 48.47 15.58
C ALA A 161 31.01 47.75 15.84
N LEU A 162 30.91 46.51 16.26
CA LEU A 162 32.09 45.73 16.55
C LEU A 162 32.96 45.58 15.27
N MET A 163 32.34 45.20 14.17
CA MET A 163 33.09 45.02 12.92
C MET A 163 33.66 46.36 12.45
N ALA A 164 32.90 47.44 12.63
CA ALA A 164 33.40 48.75 12.24
C ALA A 164 34.68 49.01 13.04
N GLU A 165 34.64 48.79 14.35
CA GLU A 165 35.82 49.01 15.18
C GLU A 165 36.97 48.11 14.71
N GLY A 166 36.66 47.07 13.95
CA GLY A 166 37.69 46.16 13.48
C GLY A 166 38.03 45.09 14.50
N LYS A 167 37.07 44.77 15.37
CA LYS A 167 37.29 43.77 16.41
C LYS A 167 36.69 42.42 16.07
N VAL A 168 36.24 42.25 14.83
CA VAL A 168 35.67 40.98 14.43
C VAL A 168 36.48 40.36 13.32
N THR A 169 36.68 39.04 13.38
CA THR A 169 37.44 38.38 12.33
C THR A 169 36.53 37.42 11.57
N THR A 170 36.76 37.35 10.27
CA THR A 170 35.97 36.48 9.40
C THR A 170 36.89 35.91 8.34
N ASN A 171 36.38 34.91 7.63
CA ASN A 171 37.13 34.24 6.57
C ASN A 171 36.04 33.53 5.78
N PRO A 172 35.29 34.29 4.97
CA PRO A 172 34.19 33.80 4.14
C PRO A 172 34.58 32.63 3.27
N ILE A 173 33.87 31.51 3.44
CA ILE A 173 34.15 30.31 2.67
C ILE A 173 33.95 30.66 1.19
N ILE A 174 34.88 30.26 0.33
CA ILE A 174 34.76 30.55 -1.11
C ILE A 174 34.51 29.27 -1.90
N PRO A 175 33.50 29.28 -2.77
CA PRO A 175 33.25 28.06 -3.51
C PRO A 175 34.37 27.76 -4.50
N ARG A 176 34.58 26.49 -4.79
CA ARG A 176 35.59 26.08 -5.77
C ARG A 176 34.95 25.28 -6.88
N TYR A 177 35.13 25.74 -8.11
CA TYR A 177 34.55 25.07 -9.27
C TYR A 177 35.45 23.92 -9.71
N ASP A 178 35.00 23.18 -10.73
CA ASP A 178 35.78 22.04 -11.21
C ASP A 178 37.15 22.45 -11.75
N GLU A 179 38.03 21.45 -11.87
CA GLU A 179 39.40 21.65 -12.34
C GLU A 179 39.54 22.55 -13.55
N ASP A 180 38.88 22.18 -14.65
CA ASP A 180 38.97 22.98 -15.86
C ASP A 180 38.63 24.45 -15.63
N ILE A 181 37.57 24.71 -14.88
CA ILE A 181 37.18 26.09 -14.63
C ILE A 181 38.18 26.83 -13.76
N GLU A 182 38.79 26.13 -12.82
CA GLU A 182 39.75 26.76 -11.93
C GLU A 182 41.02 27.18 -12.68
N ARG A 183 41.42 26.38 -13.65
CA ARG A 183 42.61 26.69 -14.43
C ARG A 183 42.47 28.01 -15.17
N GLU A 184 41.39 28.17 -15.93
CA GLU A 184 41.20 29.42 -16.67
C GLU A 184 41.10 30.61 -15.75
N ILE A 185 40.65 30.39 -14.53
CA ILE A 185 40.57 31.48 -13.57
C ILE A 185 42.00 31.81 -13.20
N LYS A 186 42.83 30.76 -13.09
CA LYS A 186 44.23 30.91 -12.75
C LYS A 186 44.93 31.77 -13.80
N HIS A 187 44.70 31.43 -15.08
CA HIS A 187 45.31 32.18 -16.16
C HIS A 187 44.88 33.64 -16.07
N ILE A 188 43.64 33.93 -16.46
CA ILE A 188 43.13 35.29 -16.44
C ILE A 188 43.65 36.06 -15.23
N SER A 189 43.69 35.39 -14.09
CA SER A 189 44.19 36.04 -12.88
C SER A 189 45.63 36.48 -13.16
N GLU A 190 46.45 35.52 -13.58
CA GLU A 190 47.85 35.78 -13.90
C GLU A 190 47.98 36.97 -14.84
N LEU A 191 47.28 36.92 -15.98
CA LEU A 191 47.31 37.98 -16.98
C LEU A 191 46.87 39.33 -16.42
N LEU A 192 46.24 39.32 -15.25
CA LEU A 192 45.77 40.56 -14.63
C LEU A 192 46.58 40.94 -13.39
N ARG A 193 47.29 39.94 -12.86
CA ARG A 193 48.11 40.10 -11.65
C ARG A 193 48.84 41.42 -11.49
N GLY A 194 49.53 41.85 -12.54
CA GLY A 194 50.25 43.10 -12.46
C GLY A 194 49.61 44.20 -13.28
N THR A 195 48.57 44.82 -12.74
CA THR A 195 47.88 45.90 -13.45
C THR A 195 47.27 46.89 -12.47
N PRO A 196 46.85 48.08 -12.97
CA PRO A 196 46.25 49.10 -12.09
C PRO A 196 44.80 48.70 -11.80
N LEU A 197 44.34 47.67 -12.50
CA LEU A 197 43.00 47.12 -12.40
C LEU A 197 42.95 46.10 -11.26
N ALA A 198 43.78 45.06 -11.38
CA ALA A 198 43.87 44.00 -10.38
C ALA A 198 44.36 44.55 -9.05
N GLU A 199 44.55 45.86 -9.00
CA GLU A 199 45.01 46.54 -7.81
C GLU A 199 43.84 47.31 -7.17
N LYS A 200 42.69 47.28 -7.86
CA LYS A 200 41.49 47.94 -7.38
C LYS A 200 40.29 46.99 -7.33
N TYR A 201 40.46 45.77 -7.83
CA TYR A 201 39.40 44.78 -7.82
C TYR A 201 39.93 43.38 -7.57
N PRO A 202 39.14 42.54 -6.89
CA PRO A 202 39.55 41.17 -6.59
C PRO A 202 39.88 40.39 -7.85
N ILE A 203 41.16 40.03 -7.98
CA ILE A 203 41.65 39.28 -9.13
C ILE A 203 40.81 38.04 -9.40
N ARG A 204 40.49 37.30 -8.34
CA ARG A 204 39.67 36.10 -8.42
C ARG A 204 38.31 36.42 -9.04
N TRP A 205 37.75 37.55 -8.63
CA TRP A 205 36.45 37.99 -9.11
C TRP A 205 36.53 38.38 -10.59
N LEU A 206 37.37 39.37 -10.89
CA LEU A 206 37.52 39.84 -12.26
C LEU A 206 37.65 38.63 -13.17
N ALA A 207 38.43 37.64 -12.73
CA ALA A 207 38.60 36.44 -13.54
C ALA A 207 37.25 35.79 -13.75
N LEU A 208 36.67 35.28 -12.66
CA LEU A 208 35.37 34.61 -12.69
C LEU A 208 34.36 35.33 -13.59
N LYS A 209 34.23 36.66 -13.44
CA LYS A 209 33.29 37.42 -14.28
C LYS A 209 33.56 37.20 -15.76
N LEU A 210 34.81 37.39 -16.18
CA LEU A 210 35.20 37.23 -17.57
C LEU A 210 34.85 35.86 -18.17
N LEU A 211 34.82 34.80 -17.38
CA LEU A 211 34.47 33.50 -17.94
C LEU A 211 33.00 33.45 -18.37
N GLN A 212 32.22 34.40 -17.88
CA GLN A 212 30.80 34.45 -18.21
C GLN A 212 30.58 35.61 -19.16
N ARG A 213 31.69 36.24 -19.56
CA ARG A 213 31.64 37.37 -20.48
C ARG A 213 30.87 38.53 -19.90
N ASP A 214 31.06 38.78 -18.61
CA ASP A 214 30.38 39.86 -17.91
C ASP A 214 30.56 41.19 -18.62
N GLU A 215 29.47 41.67 -19.21
CA GLU A 215 29.42 42.91 -19.95
C GLU A 215 30.22 44.07 -19.35
N GLU A 216 29.95 44.40 -18.10
CA GLU A 216 30.63 45.50 -17.45
C GLU A 216 32.06 45.25 -17.05
N VAL A 217 32.49 43.99 -17.06
CA VAL A 217 33.88 43.71 -16.70
C VAL A 217 34.73 43.90 -17.94
N ILE A 218 34.25 43.39 -19.06
CA ILE A 218 34.96 43.53 -20.32
C ILE A 218 35.21 45.00 -20.63
N LYS A 219 34.20 45.84 -20.44
CA LYS A 219 34.37 47.26 -20.70
C LYS A 219 35.29 47.88 -19.65
N LEU A 220 35.59 47.12 -18.61
CA LEU A 220 36.44 47.62 -17.54
C LEU A 220 37.89 47.28 -17.84
N VAL A 221 38.11 46.18 -18.57
CA VAL A 221 39.47 45.76 -18.92
C VAL A 221 39.97 46.53 -20.14
N LEU A 222 39.05 47.04 -20.96
CA LEU A 222 39.43 47.80 -22.15
C LEU A 222 39.86 49.22 -21.78
N LYS A 223 39.18 49.82 -20.80
CA LYS A 223 39.49 51.18 -20.35
C LYS A 223 40.74 51.26 -19.47
N TYR A 224 40.93 50.24 -18.62
CA TYR A 224 42.08 50.22 -17.72
C TYR A 224 43.30 49.56 -18.37
N LEU A 225 43.06 48.53 -19.18
CA LEU A 225 44.14 47.81 -19.86
C LEU A 225 43.90 47.83 -21.37
N GLY A 226 44.99 47.76 -22.13
CA GLY A 226 44.87 47.80 -23.57
C GLY A 226 43.82 46.89 -24.19
N GLN A 227 43.55 47.12 -25.47
CA GLN A 227 42.59 46.33 -26.24
C GLN A 227 43.24 44.97 -26.55
N GLU A 228 44.57 44.98 -26.57
CA GLU A 228 45.35 43.80 -26.83
C GLU A 228 45.25 42.90 -25.61
N LYS A 229 45.31 43.52 -24.43
CA LYS A 229 45.23 42.81 -23.15
C LYS A 229 43.93 42.01 -23.08
N MET A 230 42.84 42.61 -23.55
CA MET A 230 41.52 41.98 -23.55
C MET A 230 41.43 40.79 -24.52
N ASP A 231 42.26 40.80 -25.56
CA ASP A 231 42.26 39.71 -26.54
C ASP A 231 43.03 38.51 -26.01
N GLU A 232 44.05 38.80 -25.21
CA GLU A 232 44.87 37.76 -24.60
C GLU A 232 43.96 36.98 -23.64
N ILE A 233 42.97 37.70 -23.11
CA ILE A 233 41.99 37.11 -22.18
C ILE A 233 41.05 36.23 -23.00
N LEU A 234 40.49 36.82 -24.05
CA LEU A 234 39.54 36.15 -24.94
C LEU A 234 39.84 34.71 -25.33
N LYS A 235 41.05 34.44 -25.81
CA LYS A 235 41.37 33.08 -26.22
C LYS A 235 41.22 32.09 -25.09
N HIS A 236 41.48 32.55 -23.86
CA HIS A 236 41.36 31.71 -22.67
C HIS A 236 39.90 31.36 -22.42
N ILE A 237 39.02 32.35 -22.52
CA ILE A 237 37.59 32.14 -22.32
C ILE A 237 37.06 31.22 -23.42
N SER A 238 37.24 31.68 -24.66
CA SER A 238 36.81 30.95 -25.83
C SER A 238 37.26 29.51 -25.66
N GLU A 239 38.47 29.38 -25.14
CA GLU A 239 39.10 28.09 -24.87
C GLU A 239 38.27 27.22 -23.91
N LEU A 240 37.90 27.79 -22.77
CA LEU A 240 37.14 27.06 -21.76
C LEU A 240 35.75 26.76 -22.29
N GLU A 241 35.13 27.77 -22.91
CA GLU A 241 33.80 27.61 -23.47
C GLU A 241 33.73 26.37 -24.33
N GLU A 242 34.82 26.13 -25.06
CA GLU A 242 34.96 24.99 -25.94
C GLU A 242 34.80 23.68 -25.16
N LYS A 243 35.25 23.69 -23.91
CA LYS A 243 35.17 22.51 -23.04
C LYS A 243 33.77 22.28 -22.47
N TYR A 244 32.86 23.21 -22.72
CA TYR A 244 31.49 23.09 -22.22
C TYR A 244 30.42 23.37 -23.28
N LYS A 245 29.39 22.53 -23.29
CA LYS A 245 28.27 22.67 -24.22
C LYS A 245 27.37 23.82 -23.76
N ARG A 246 26.85 23.73 -22.54
CA ARG A 246 25.99 24.78 -22.00
C ARG A 246 26.83 26.03 -21.82
N PRO A 247 26.17 27.20 -21.68
CA PRO A 247 26.96 28.42 -21.50
C PRO A 247 27.68 28.30 -20.16
N LEU A 248 28.77 29.05 -20.01
CA LEU A 248 29.54 29.00 -18.77
C LEU A 248 28.81 29.57 -17.57
N ASP A 249 28.20 30.75 -17.73
CA ASP A 249 27.48 31.34 -16.63
C ASP A 249 26.48 30.33 -16.05
N ILE A 250 25.87 29.54 -16.93
CA ILE A 250 24.92 28.54 -16.48
C ILE A 250 25.61 27.41 -15.72
N VAL A 251 26.71 26.91 -16.26
CA VAL A 251 27.43 25.82 -15.58
C VAL A 251 28.04 26.28 -14.25
N ILE A 252 28.62 27.48 -14.25
CA ILE A 252 29.23 28.04 -13.05
C ILE A 252 28.18 28.19 -11.93
N ALA A 253 27.04 28.79 -12.26
CA ALA A 253 25.98 28.98 -11.30
C ALA A 253 25.53 27.61 -10.83
N SER A 254 25.40 26.71 -11.79
CA SER A 254 24.98 25.35 -11.51
C SER A 254 25.84 24.76 -10.40
N GLN A 255 27.17 24.87 -10.57
CA GLN A 255 28.11 24.35 -9.58
C GLN A 255 28.09 25.14 -8.28
N LYS A 256 27.65 26.39 -8.36
CA LYS A 256 27.57 27.25 -7.19
C LYS A 256 26.48 26.68 -6.26
N TYR A 257 25.39 26.20 -6.86
CA TYR A 257 24.29 25.60 -6.09
C TYR A 257 24.73 24.24 -5.58
N GLU A 258 25.53 23.57 -6.39
CA GLU A 258 26.06 22.26 -6.05
C GLU A 258 26.86 22.47 -4.77
N PHE A 259 27.58 23.59 -4.72
CA PHE A 259 28.38 23.96 -3.56
C PHE A 259 27.46 24.23 -2.37
N LEU A 260 26.30 24.80 -2.64
CA LEU A 260 25.34 25.14 -1.60
C LEU A 260 24.65 23.97 -0.94
N GLU A 261 24.26 22.97 -1.73
CA GLU A 261 23.60 21.81 -1.18
C GLU A 261 24.47 21.11 -0.15
N GLN A 262 25.73 20.92 -0.48
CA GLN A 262 26.67 20.27 0.42
C GLN A 262 26.94 21.20 1.58
N LEU A 263 26.87 22.50 1.33
CA LEU A 263 27.10 23.49 2.35
C LEU A 263 25.95 23.46 3.35
N LEU A 264 24.72 23.36 2.84
CA LEU A 264 23.53 23.32 3.68
C LEU A 264 23.43 22.07 4.54
N ARG A 265 23.96 20.95 4.04
CA ARG A 265 23.92 19.71 4.79
C ARG A 265 24.65 19.88 6.12
N LYS A 266 25.80 20.56 6.07
CA LYS A 266 26.62 20.78 7.26
C LYS A 266 25.99 21.58 8.40
N PHE A 267 24.83 22.20 8.20
CA PHE A 267 24.24 22.94 9.30
C PHE A 267 22.73 22.99 9.35
N VAL A 268 22.07 22.17 8.55
CA VAL A 268 20.63 22.11 8.56
C VAL A 268 20.22 20.64 8.73
N MET B 1 -20.94 10.46 -15.33
CA MET B 1 -19.45 10.39 -15.37
C MET B 1 -18.89 9.44 -14.31
N VAL B 2 -17.82 8.74 -14.66
CA VAL B 2 -17.16 7.82 -13.75
C VAL B 2 -16.63 8.66 -12.59
N LEU B 3 -16.25 8.01 -11.50
CA LEU B 3 -15.71 8.70 -10.33
C LEU B 3 -14.25 9.06 -10.58
N LYS B 4 -13.95 10.34 -10.73
CA LYS B 4 -12.58 10.76 -10.97
C LYS B 4 -11.88 11.03 -9.64
N THR B 5 -10.56 10.87 -9.64
CA THR B 5 -9.76 11.09 -8.44
C THR B 5 -8.84 12.29 -8.57
N VAL B 6 -8.79 13.08 -7.51
CA VAL B 6 -7.94 14.26 -7.48
C VAL B 6 -6.95 14.08 -6.33
N ALA B 7 -5.68 14.37 -6.59
CA ALA B 7 -4.64 14.23 -5.57
C ALA B 7 -4.01 15.56 -5.19
N LEU B 8 -3.88 15.81 -3.90
CA LEU B 8 -3.24 17.04 -3.44
C LEU B 8 -1.81 16.73 -2.99
N VAL B 9 -0.84 17.42 -3.59
CA VAL B 9 0.57 17.22 -3.25
C VAL B 9 1.32 18.57 -3.15
N GLY B 10 2.45 18.55 -2.46
CA GLY B 10 3.23 19.76 -2.27
C GLY B 10 4.05 19.60 -1.03
N ASN B 11 4.70 20.66 -0.59
CA ASN B 11 5.50 20.58 0.63
C ASN B 11 4.61 20.70 1.87
N PRO B 12 5.19 20.43 3.05
CA PRO B 12 4.43 20.53 4.29
C PRO B 12 4.21 22.02 4.52
N ASN B 13 3.09 22.39 5.12
CA ASN B 13 2.78 23.79 5.41
C ASN B 13 2.77 24.71 4.19
N VAL B 14 2.02 24.33 3.18
CA VAL B 14 1.89 25.14 1.99
C VAL B 14 0.40 25.48 1.92
N GLY B 15 -0.34 24.90 2.86
CA GLY B 15 -1.77 25.10 2.93
C GLY B 15 -2.48 23.99 2.21
N LYS B 16 -1.84 22.83 2.13
CA LYS B 16 -2.42 21.68 1.45
C LYS B 16 -3.67 21.22 2.21
N THR B 17 -3.57 21.16 3.54
CA THR B 17 -4.68 20.76 4.40
C THR B 17 -5.79 21.79 4.26
N THR B 18 -5.40 23.05 4.19
CA THR B 18 -6.35 24.13 4.07
C THR B 18 -7.17 24.04 2.77
N ILE B 19 -6.52 23.67 1.67
CA ILE B 19 -7.22 23.54 0.40
C ILE B 19 -8.04 22.25 0.33
N PHE B 20 -7.61 21.24 1.09
CA PHE B 20 -8.33 19.97 1.12
C PHE B 20 -9.67 20.25 1.78
N ASN B 21 -9.63 20.85 2.97
CA ASN B 21 -10.87 21.19 3.68
C ASN B 21 -11.70 22.11 2.80
N ALA B 22 -11.02 23.03 2.12
CA ALA B 22 -11.69 23.97 1.25
C ALA B 22 -12.42 23.30 0.08
N LEU B 23 -12.07 22.05 -0.23
CA LEU B 23 -12.71 21.37 -1.35
C LEU B 23 -13.67 20.26 -0.93
N THR B 24 -13.47 19.71 0.25
CA THR B 24 -14.30 18.60 0.70
C THR B 24 -15.32 18.88 1.80
N GLY B 25 -15.33 20.10 2.33
CA GLY B 25 -16.29 20.43 3.38
C GLY B 25 -16.22 19.43 4.53
N LEU B 26 -17.37 18.84 4.85
CA LEU B 26 -17.44 17.86 5.94
C LEU B 26 -17.29 16.44 5.41
N ARG B 27 -17.49 16.29 4.11
CA ARG B 27 -17.43 14.98 3.45
C ARG B 27 -16.00 14.39 3.34
N GLN B 28 -15.35 14.20 4.49
CA GLN B 28 -13.99 13.67 4.52
C GLN B 28 -13.92 12.35 5.28
N HIS B 29 -12.98 11.51 4.88
CA HIS B 29 -12.78 10.23 5.52
C HIS B 29 -11.38 10.17 6.09
N VAL B 30 -11.19 9.45 7.19
CA VAL B 30 -9.87 9.33 7.76
C VAL B 30 -9.47 7.88 7.96
N GLY B 31 -8.33 7.51 7.36
CA GLY B 31 -7.82 6.17 7.45
C GLY B 31 -6.31 6.26 7.40
N ASN B 32 -5.64 5.15 7.12
CA ASN B 32 -4.19 5.18 7.05
C ASN B 32 -3.73 4.48 5.78
N TRP B 33 -2.52 4.79 5.33
CA TRP B 33 -1.97 4.16 4.14
C TRP B 33 -1.55 2.72 4.44
N PRO B 34 -1.79 1.79 3.50
CA PRO B 34 -1.47 0.37 3.59
C PRO B 34 -0.14 0.00 4.22
N GLY B 35 -0.19 -0.65 5.36
CA GLY B 35 1.02 -1.10 6.04
C GLY B 35 1.85 -0.09 6.80
N VAL B 36 1.48 1.19 6.79
CA VAL B 36 2.28 2.15 7.51
C VAL B 36 1.44 3.02 8.45
N THR B 37 2.12 3.72 9.35
CA THR B 37 1.43 4.56 10.33
C THR B 37 0.91 5.87 9.74
N VAL B 38 1.43 6.25 8.58
CA VAL B 38 1.00 7.50 7.96
C VAL B 38 -0.50 7.61 7.72
N GLU B 39 -1.11 8.61 8.36
CA GLU B 39 -2.53 8.86 8.21
C GLU B 39 -2.87 9.17 6.74
N LYS B 40 -4.13 8.94 6.36
CA LYS B 40 -4.59 9.17 4.99
C LYS B 40 -5.95 9.86 5.02
N LYS B 41 -6.00 11.09 4.51
CA LYS B 41 -7.24 11.85 4.49
C LYS B 41 -7.79 11.95 3.09
N GLU B 42 -9.02 11.51 2.90
CA GLU B 42 -9.66 11.59 1.60
C GLU B 42 -11.08 12.13 1.75
N GLY B 43 -11.57 12.81 0.73
CA GLY B 43 -12.91 13.34 0.83
C GLY B 43 -13.59 13.48 -0.51
N ILE B 44 -14.86 13.87 -0.48
CA ILE B 44 -15.63 14.05 -1.69
C ILE B 44 -15.75 15.54 -2.00
N MET B 45 -15.41 15.91 -3.22
CA MET B 45 -15.48 17.30 -3.69
C MET B 45 -16.63 17.40 -4.71
N GLU B 46 -17.50 18.40 -4.52
CA GLU B 46 -18.63 18.61 -5.40
C GLU B 46 -18.45 19.87 -6.26
N TYR B 47 -18.99 19.85 -7.48
CA TYR B 47 -18.88 20.99 -8.38
C TYR B 47 -19.68 20.77 -9.66
N ARG B 48 -20.69 21.61 -9.88
CA ARG B 48 -21.52 21.52 -11.07
C ARG B 48 -22.17 20.13 -11.15
N GLU B 49 -22.65 19.65 -10.01
CA GLU B 49 -23.30 18.33 -9.93
C GLU B 49 -22.33 17.18 -10.17
N LYS B 50 -21.05 17.49 -10.39
CA LYS B 50 -20.05 16.45 -10.59
C LYS B 50 -19.34 16.17 -9.28
N GLU B 51 -19.01 14.90 -9.04
CA GLU B 51 -18.33 14.52 -7.81
C GLU B 51 -16.94 13.96 -8.03
N PHE B 52 -16.03 14.35 -7.14
CA PHE B 52 -14.63 13.93 -7.24
C PHE B 52 -14.12 13.40 -5.91
N LEU B 53 -13.34 12.32 -5.96
CA LEU B 53 -12.74 11.77 -4.76
C LEU B 53 -11.36 12.43 -4.65
N VAL B 54 -11.18 13.25 -3.62
CA VAL B 54 -9.93 13.94 -3.39
C VAL B 54 -9.07 13.24 -2.33
N VAL B 55 -7.88 12.82 -2.75
CA VAL B 55 -6.97 12.13 -1.85
C VAL B 55 -5.85 13.11 -1.56
N ASP B 56 -5.59 13.36 -0.29
CA ASP B 56 -4.53 14.29 0.07
C ASP B 56 -3.28 13.50 0.42
N LEU B 57 -2.20 13.75 -0.30
CA LEU B 57 -0.95 13.03 -0.06
C LEU B 57 -0.09 13.73 0.99
N PRO B 58 0.67 12.96 1.77
CA PRO B 58 1.52 13.56 2.80
C PRO B 58 2.54 14.51 2.20
N GLY B 59 2.70 15.67 2.83
CA GLY B 59 3.63 16.68 2.33
C GLY B 59 5.03 16.16 2.08
N ILE B 60 5.63 16.58 0.97
CA ILE B 60 6.97 16.11 0.64
C ILE B 60 7.83 17.17 -0.07
N TYR B 61 9.14 17.00 0.04
CA TYR B 61 10.08 17.96 -0.58
C TYR B 61 10.62 17.50 -1.93
N SER B 62 10.58 16.20 -2.17
CA SER B 62 11.04 15.64 -3.43
C SER B 62 10.48 14.24 -3.57
N LEU B 63 10.79 13.59 -4.69
CA LEU B 63 10.29 12.24 -4.96
C LEU B 63 11.37 11.18 -5.00
N THR B 64 12.08 10.97 -3.90
CA THR B 64 13.14 9.96 -3.87
C THR B 64 12.59 8.71 -3.18
N ALA B 65 13.49 7.84 -2.75
CA ALA B 65 13.06 6.62 -2.08
C ALA B 65 13.61 6.59 -0.66
N HIS B 66 13.79 7.78 -0.09
CA HIS B 66 14.35 7.93 1.25
C HIS B 66 13.37 8.13 2.38
N SER B 67 12.09 7.87 2.13
CA SER B 67 11.08 8.06 3.17
C SER B 67 9.75 7.50 2.72
N ILE B 68 8.94 7.05 3.68
CA ILE B 68 7.64 6.47 3.36
C ILE B 68 6.80 7.45 2.54
N ASP B 69 6.69 8.68 3.03
CA ASP B 69 5.89 9.67 2.36
C ASP B 69 6.26 9.97 0.91
N GLU B 70 7.54 10.02 0.59
CA GLU B 70 7.90 10.28 -0.80
C GLU B 70 7.53 9.08 -1.65
N LEU B 71 7.56 7.89 -1.04
CA LEU B 71 7.19 6.69 -1.76
C LEU B 71 5.69 6.52 -1.81
N ILE B 72 4.97 7.11 -0.86
CA ILE B 72 3.52 7.00 -0.90
C ILE B 72 3.08 7.79 -2.13
N ALA B 73 3.70 8.96 -2.30
CA ALA B 73 3.40 9.83 -3.42
C ALA B 73 3.78 9.25 -4.78
N ARG B 74 5.04 8.84 -4.97
CA ARG B 74 5.44 8.31 -6.28
C ARG B 74 4.65 7.07 -6.65
N ASN B 75 4.38 6.20 -5.69
CA ASN B 75 3.61 5.00 -5.98
C ASN B 75 2.20 5.35 -6.45
N PHE B 76 1.57 6.28 -5.75
CA PHE B 76 0.21 6.69 -6.07
C PHE B 76 0.10 7.31 -7.45
N ILE B 77 1.02 8.23 -7.79
CA ILE B 77 0.99 8.89 -9.08
C ILE B 77 1.40 7.93 -10.21
N LEU B 78 2.53 7.23 -10.05
CA LEU B 78 3.00 6.32 -11.09
C LEU B 78 2.00 5.23 -11.47
N ASP B 79 1.59 4.43 -10.48
CA ASP B 79 0.64 3.34 -10.70
C ASP B 79 -0.67 3.82 -11.35
N GLY B 80 -0.81 5.13 -11.54
CA GLY B 80 -2.00 5.69 -12.16
C GLY B 80 -3.25 5.93 -11.34
N ASN B 81 -3.14 6.01 -10.03
CA ASN B 81 -4.33 6.26 -9.20
C ASN B 81 -4.83 7.70 -9.25
N ALA B 82 -4.12 8.57 -9.96
CA ALA B 82 -4.52 9.97 -10.02
C ALA B 82 -5.01 10.45 -11.38
N ASP B 83 -6.26 10.88 -11.46
CA ASP B 83 -6.81 11.38 -12.71
C ASP B 83 -6.38 12.81 -12.90
N VAL B 84 -6.27 13.51 -11.78
CA VAL B 84 -5.86 14.91 -11.76
C VAL B 84 -4.92 15.11 -10.57
N ILE B 85 -3.81 15.80 -10.83
CA ILE B 85 -2.82 16.08 -9.79
C ILE B 85 -2.83 17.56 -9.48
N VAL B 86 -3.17 17.92 -8.25
CA VAL B 86 -3.15 19.35 -7.91
C VAL B 86 -1.90 19.60 -7.08
N ASP B 87 -0.89 20.18 -7.73
CA ASP B 87 0.39 20.47 -7.09
C ASP B 87 0.33 21.85 -6.43
N ILE B 88 0.26 21.87 -5.10
CA ILE B 88 0.17 23.11 -4.34
C ILE B 88 1.51 23.66 -3.88
N VAL B 89 1.73 24.93 -4.22
CA VAL B 89 3.00 25.58 -3.89
C VAL B 89 2.90 26.78 -2.98
N ASP B 90 3.80 26.83 -2.00
CA ASP B 90 3.87 27.96 -1.08
C ASP B 90 4.56 29.06 -1.88
N SER B 91 3.76 30.02 -2.35
CA SER B 91 4.27 31.12 -3.17
C SER B 91 5.48 31.89 -2.61
N THR B 92 5.73 31.81 -1.31
CA THR B 92 6.84 32.56 -0.75
C THR B 92 8.23 31.96 -0.94
N CYS B 93 8.31 30.67 -1.26
CA CYS B 93 9.62 30.04 -1.50
C CYS B 93 9.52 29.24 -2.78
N LEU B 94 9.31 29.94 -3.88
CA LEU B 94 9.17 29.31 -5.17
C LEU B 94 10.31 28.36 -5.54
N MET B 95 11.56 28.74 -5.28
CA MET B 95 12.66 27.85 -5.65
C MET B 95 12.53 26.46 -5.05
N ARG B 96 12.41 26.36 -3.73
CA ARG B 96 12.27 25.07 -3.07
C ARG B 96 11.01 24.31 -3.51
N ASN B 97 9.90 25.02 -3.62
CA ASN B 97 8.64 24.40 -4.00
C ASN B 97 8.57 23.90 -5.43
N LEU B 98 9.04 24.69 -6.39
CA LEU B 98 9.02 24.26 -7.79
C LEU B 98 9.98 23.09 -8.00
N PHE B 99 10.86 22.86 -7.04
CA PHE B 99 11.81 21.76 -7.17
C PHE B 99 11.01 20.46 -7.22
N LEU B 100 9.95 20.37 -6.43
CA LEU B 100 9.11 19.17 -6.43
C LEU B 100 8.35 19.13 -7.74
N THR B 101 7.80 20.27 -8.13
CA THR B 101 7.07 20.35 -9.39
C THR B 101 7.94 19.68 -10.49
N LEU B 102 9.21 20.06 -10.53
CA LEU B 102 10.13 19.51 -11.50
C LEU B 102 10.20 17.99 -11.40
N GLU B 103 10.40 17.47 -10.19
CA GLU B 103 10.47 16.02 -10.02
C GLU B 103 9.17 15.38 -10.54
N LEU B 104 8.05 16.10 -10.38
CA LEU B 104 6.74 15.59 -10.84
C LEU B 104 6.73 15.57 -12.33
N PHE B 105 7.13 16.68 -12.93
CA PHE B 105 7.15 16.77 -14.38
C PHE B 105 8.00 15.65 -14.97
N GLU B 106 9.19 15.44 -14.42
CA GLU B 106 10.09 14.40 -14.91
C GLU B 106 9.51 13.01 -14.87
N MET B 107 8.58 12.76 -13.93
CA MET B 107 7.94 11.46 -13.81
C MET B 107 6.98 11.33 -14.99
N GLU B 108 6.96 12.38 -15.80
CA GLU B 108 6.14 12.48 -17.02
C GLU B 108 4.63 12.58 -16.85
N VAL B 109 4.22 13.16 -15.73
CA VAL B 109 2.82 13.40 -15.44
C VAL B 109 2.43 14.48 -16.44
N LYS B 110 1.18 14.51 -16.87
CA LYS B 110 0.73 15.51 -17.83
C LYS B 110 -0.55 16.18 -17.33
N ASN B 111 -1.33 15.46 -16.55
CA ASN B 111 -2.59 15.93 -16.02
C ASN B 111 -2.44 16.60 -14.66
N ILE B 112 -1.64 17.65 -14.61
CA ILE B 112 -1.38 18.35 -13.38
C ILE B 112 -1.75 19.84 -13.40
N ILE B 113 -2.11 20.37 -12.23
CA ILE B 113 -2.46 21.78 -12.07
C ILE B 113 -1.56 22.38 -10.99
N LEU B 114 -1.17 23.63 -11.19
CA LEU B 114 -0.28 24.33 -10.27
C LEU B 114 -0.95 25.46 -9.50
N VAL B 115 -1.12 25.26 -8.20
CA VAL B 115 -1.73 26.24 -7.31
C VAL B 115 -0.65 26.99 -6.51
N LEU B 116 -0.63 28.31 -6.69
CA LEU B 116 0.33 29.17 -6.01
C LEU B 116 -0.31 29.70 -4.74
N ASN B 117 -0.39 28.85 -3.72
CA ASN B 117 -1.00 29.25 -2.45
C ASN B 117 -0.21 30.33 -1.71
N LYS B 118 -0.83 30.88 -0.67
CA LYS B 118 -0.24 31.95 0.13
C LYS B 118 0.19 33.08 -0.78
N PHE B 119 -0.40 33.10 -1.98
CA PHE B 119 -0.10 34.11 -2.99
C PHE B 119 -0.34 35.50 -2.45
N ASP B 120 -1.17 35.57 -1.41
CA ASP B 120 -1.51 36.84 -0.78
C ASP B 120 -0.35 37.43 0.01
N LEU B 121 0.86 37.37 -0.54
CA LEU B 121 2.00 37.96 0.16
C LEU B 121 2.82 38.87 -0.77
N LEU B 122 2.25 40.07 -0.99
CA LEU B 122 2.75 41.18 -1.81
C LEU B 122 2.19 41.14 -3.24
N ALA B 127 5.47 40.28 -4.34
CA ALA B 127 5.66 41.12 -5.51
C ALA B 127 4.62 40.84 -6.61
N LYS B 128 5.04 40.98 -7.87
CA LYS B 128 4.14 40.73 -8.98
C LYS B 128 4.72 39.66 -9.89
N ILE B 129 3.98 38.56 -10.01
CA ILE B 129 4.39 37.44 -10.85
C ILE B 129 3.47 37.39 -12.04
N ASP B 130 4.05 37.25 -13.23
CA ASP B 130 3.24 37.16 -14.42
C ASP B 130 2.73 35.74 -14.56
N ILE B 131 1.56 35.45 -13.98
CA ILE B 131 0.99 34.11 -14.08
C ILE B 131 0.93 33.64 -15.54
N LYS B 132 0.39 34.51 -16.41
CA LYS B 132 0.29 34.21 -17.83
C LYS B 132 1.59 33.60 -18.35
N LYS B 133 2.71 34.14 -17.88
CA LYS B 133 4.00 33.65 -18.30
C LYS B 133 4.27 32.28 -17.65
N MET B 134 4.16 32.23 -16.32
CA MET B 134 4.38 30.98 -15.60
C MET B 134 3.65 29.86 -16.34
N ARG B 135 2.42 30.14 -16.77
CA ARG B 135 1.62 29.13 -17.47
C ARG B 135 2.29 28.68 -18.76
N LYS B 136 2.68 29.62 -19.61
CA LYS B 136 3.32 29.25 -20.87
C LYS B 136 4.65 28.54 -20.62
N GLU B 137 5.44 29.08 -19.69
CA GLU B 137 6.76 28.53 -19.36
C GLU B 137 6.73 27.11 -18.82
N LEU B 138 5.91 26.86 -17.81
CA LEU B 138 5.84 25.55 -17.21
C LEU B 138 4.96 24.59 -18.03
N GLY B 139 3.99 25.14 -18.74
CA GLY B 139 3.13 24.29 -19.56
C GLY B 139 1.95 23.64 -18.86
N VAL B 140 1.44 24.31 -17.83
CA VAL B 140 0.31 23.80 -17.07
C VAL B 140 -0.47 24.98 -16.51
N PRO B 141 -1.72 24.74 -16.09
CA PRO B 141 -2.51 25.83 -15.54
C PRO B 141 -1.90 26.29 -14.22
N VAL B 142 -2.08 27.56 -13.90
CA VAL B 142 -1.55 28.11 -12.67
C VAL B 142 -2.66 28.95 -12.06
N ILE B 143 -3.08 28.56 -10.87
CA ILE B 143 -4.15 29.25 -10.17
C ILE B 143 -3.70 29.79 -8.83
N PRO B 144 -3.62 31.13 -8.70
CA PRO B 144 -3.21 31.77 -7.45
C PRO B 144 -4.32 31.60 -6.42
N THR B 145 -3.96 31.32 -5.17
CA THR B 145 -4.98 31.13 -4.15
C THR B 145 -4.59 31.71 -2.80
N ASN B 146 -5.63 32.08 -2.05
CA ASN B 146 -5.49 32.58 -0.69
C ASN B 146 -6.46 31.65 0.03
N ALA B 147 -6.09 30.37 0.07
CA ALA B 147 -6.90 29.35 0.68
C ALA B 147 -7.47 29.76 2.04
N LYS B 148 -6.63 30.28 2.92
CA LYS B 148 -7.07 30.69 4.25
C LYS B 148 -8.22 31.68 4.18
N LYS B 149 -8.62 32.04 2.97
CA LYS B 149 -9.72 32.97 2.78
C LYS B 149 -10.68 32.39 1.76
N GLY B 150 -10.20 31.42 0.99
CA GLY B 150 -11.05 30.79 -0.02
C GLY B 150 -11.01 31.44 -1.40
N GLU B 151 -10.07 32.36 -1.60
CA GLU B 151 -9.97 33.01 -2.90
C GLU B 151 -9.38 32.07 -3.93
N GLY B 152 -9.89 32.17 -5.15
CA GLY B 152 -9.40 31.32 -6.22
C GLY B 152 -9.92 29.89 -6.12
N VAL B 153 -10.19 29.43 -4.91
CA VAL B 153 -10.69 28.07 -4.71
C VAL B 153 -11.70 27.67 -5.76
N GLU B 154 -12.67 28.54 -6.02
CA GLU B 154 -13.69 28.25 -7.02
C GLU B 154 -13.05 28.06 -8.40
N GLU B 155 -12.06 28.90 -8.69
CA GLU B 155 -11.36 28.82 -9.97
C GLU B 155 -10.65 27.47 -10.06
N LEU B 156 -10.25 26.96 -8.91
CA LEU B 156 -9.57 25.67 -8.83
C LEU B 156 -10.56 24.57 -9.21
N LYS B 157 -11.69 24.51 -8.48
CA LYS B 157 -12.72 23.51 -8.74
C LYS B 157 -13.03 23.41 -10.23
N ARG B 158 -13.21 24.57 -10.86
CA ARG B 158 -13.52 24.61 -12.29
C ARG B 158 -12.42 23.96 -13.13
N MET B 159 -11.18 24.38 -12.88
CA MET B 159 -10.03 23.86 -13.61
C MET B 159 -9.82 22.37 -13.37
N ILE B 160 -10.13 21.90 -12.16
CA ILE B 160 -9.99 20.49 -11.86
C ILE B 160 -11.08 19.78 -12.67
N ALA B 161 -12.31 20.26 -12.53
CA ALA B 161 -13.43 19.69 -13.24
C ALA B 161 -13.19 19.74 -14.74
N LEU B 162 -12.47 20.77 -15.20
CA LEU B 162 -12.20 20.91 -16.61
C LEU B 162 -11.16 19.91 -17.10
N MET B 163 -10.12 19.70 -16.30
CA MET B 163 -9.07 18.77 -16.68
C MET B 163 -9.60 17.34 -16.66
N ALA B 164 -10.39 17.01 -15.64
CA ALA B 164 -10.98 15.68 -15.53
C ALA B 164 -11.65 15.30 -16.85
N GLU B 165 -12.38 16.26 -17.44
CA GLU B 165 -13.08 16.04 -18.71
C GLU B 165 -12.12 15.88 -19.90
N GLY B 166 -10.87 16.30 -19.71
CA GLY B 166 -9.89 16.19 -20.78
C GLY B 166 -9.95 17.33 -21.77
N LYS B 167 -10.32 18.51 -21.28
CA LYS B 167 -10.43 19.71 -22.12
C LYS B 167 -9.32 20.72 -21.82
N VAL B 168 -8.26 20.27 -21.19
CA VAL B 168 -7.14 21.16 -20.87
C VAL B 168 -5.84 20.65 -21.46
N THR B 169 -5.19 21.48 -22.27
CA THR B 169 -3.93 21.09 -22.88
C THR B 169 -2.77 21.39 -21.97
N THR B 170 -1.82 20.46 -21.90
CA THR B 170 -0.64 20.63 -21.06
C THR B 170 0.59 20.10 -21.74
N ASN B 171 1.74 20.58 -21.30
CA ASN B 171 3.01 20.15 -21.83
C ASN B 171 4.02 20.64 -20.82
N PRO B 172 4.20 19.89 -19.73
CA PRO B 172 5.15 20.27 -18.69
C PRO B 172 6.60 20.35 -19.17
N ILE B 173 7.24 21.47 -18.86
CA ILE B 173 8.63 21.71 -19.23
C ILE B 173 9.54 20.66 -18.61
N ILE B 174 10.45 20.12 -19.41
CA ILE B 174 11.39 19.12 -18.92
C ILE B 174 12.81 19.67 -18.96
N PRO B 175 13.45 19.79 -17.78
CA PRO B 175 14.81 20.30 -17.69
C PRO B 175 15.83 19.39 -18.38
N ARG B 176 16.83 20.02 -19.01
CA ARG B 176 17.89 19.33 -19.72
C ARG B 176 19.19 19.42 -18.89
N TYR B 177 20.01 18.37 -18.90
CA TYR B 177 21.23 18.36 -18.11
C TYR B 177 22.51 18.45 -18.97
N ASP B 178 23.66 18.16 -18.36
CA ASP B 178 24.95 18.18 -19.06
C ASP B 178 24.98 17.12 -20.17
N GLU B 179 25.86 17.30 -21.15
CA GLU B 179 26.00 16.33 -22.22
C GLU B 179 26.27 15.00 -21.57
N ASP B 180 27.19 15.03 -20.61
CA ASP B 180 27.60 13.85 -19.86
C ASP B 180 26.41 13.20 -19.17
N ILE B 181 25.54 14.00 -18.59
CA ILE B 181 24.37 13.45 -17.92
C ILE B 181 23.41 13.01 -19.00
N GLU B 182 23.17 13.87 -19.99
CA GLU B 182 22.27 13.54 -21.08
C GLU B 182 22.73 12.33 -21.90
N ARG B 183 24.03 12.12 -21.99
CA ARG B 183 24.53 10.99 -22.76
C ARG B 183 24.30 9.68 -22.00
N GLU B 184 24.64 9.66 -20.72
CA GLU B 184 24.43 8.46 -19.92
C GLU B 184 22.92 8.19 -19.81
N ILE B 185 22.11 9.24 -19.91
CA ILE B 185 20.65 9.12 -19.87
C ILE B 185 20.25 8.34 -21.12
N LYS B 186 20.75 8.81 -22.26
CA LYS B 186 20.47 8.22 -23.55
C LYS B 186 20.80 6.73 -23.61
N HIS B 187 21.94 6.35 -23.04
CA HIS B 187 22.33 4.94 -23.06
C HIS B 187 21.50 4.03 -22.15
N ILE B 188 21.08 4.54 -21.00
CA ILE B 188 20.27 3.73 -20.10
C ILE B 188 18.94 3.49 -20.82
N SER B 189 18.49 4.51 -21.55
CA SER B 189 17.23 4.47 -22.30
C SER B 189 17.24 3.48 -23.47
N GLU B 190 18.19 3.65 -24.38
CA GLU B 190 18.30 2.77 -25.55
C GLU B 190 18.90 1.43 -25.15
N LEU B 191 18.54 0.96 -23.96
CA LEU B 191 19.03 -0.30 -23.41
C LEU B 191 17.98 -0.79 -22.42
N LEU B 192 17.02 0.09 -22.17
CA LEU B 192 15.93 -0.18 -21.24
C LEU B 192 14.63 -0.13 -22.03
N ARG B 193 14.64 0.59 -23.15
CA ARG B 193 13.45 0.73 -23.98
C ARG B 193 13.25 -0.57 -24.76
N GLY B 194 14.26 -1.43 -24.65
CA GLY B 194 14.19 -2.74 -25.28
C GLY B 194 13.90 -3.64 -24.10
N THR B 195 12.90 -3.27 -23.33
CA THR B 195 12.49 -4.00 -22.15
C THR B 195 11.02 -3.67 -21.85
N PRO B 196 10.26 -4.63 -21.30
CA PRO B 196 8.84 -4.43 -20.96
C PRO B 196 8.55 -3.20 -20.10
N LEU B 197 9.53 -2.77 -19.31
CA LEU B 197 9.38 -1.60 -18.44
C LEU B 197 8.76 -0.42 -19.16
N ALA B 198 9.35 -0.07 -20.31
CA ALA B 198 8.87 1.04 -21.12
C ALA B 198 7.34 1.07 -21.20
N GLU B 199 6.71 -0.09 -21.18
CA GLU B 199 5.24 -0.18 -21.26
C GLU B 199 4.57 0.34 -19.98
N LYS B 200 5.21 0.11 -18.83
CA LYS B 200 4.64 0.53 -17.55
C LYS B 200 5.20 1.80 -16.92
N TYR B 201 6.46 2.11 -17.20
CA TYR B 201 7.07 3.30 -16.62
C TYR B 201 7.69 4.21 -17.65
N PRO B 202 7.90 5.49 -17.29
CA PRO B 202 8.50 6.46 -18.21
C PRO B 202 10.02 6.22 -18.17
N ILE B 203 10.60 5.96 -19.35
CA ILE B 203 12.02 5.67 -19.46
C ILE B 203 12.94 6.77 -18.91
N ARG B 204 12.72 8.00 -19.40
CA ARG B 204 13.50 9.16 -18.96
C ARG B 204 13.60 9.18 -17.45
N TRP B 205 12.46 9.03 -16.78
CA TRP B 205 12.43 9.03 -15.33
C TRP B 205 13.33 7.91 -14.79
N LEU B 206 12.97 6.68 -15.15
CA LEU B 206 13.69 5.47 -14.71
C LEU B 206 15.20 5.62 -14.80
N ALA B 207 15.67 6.30 -15.83
CA ALA B 207 17.10 6.49 -16.00
C ALA B 207 17.63 7.50 -14.97
N LEU B 208 16.99 8.66 -14.90
CA LEU B 208 17.36 9.70 -13.96
C LEU B 208 17.53 9.11 -12.56
N LYS B 209 16.59 8.23 -12.19
CA LYS B 209 16.61 7.62 -10.89
C LYS B 209 17.80 6.68 -10.74
N LEU B 210 18.09 5.91 -11.77
CA LEU B 210 19.22 4.99 -11.71
C LEU B 210 20.52 5.73 -11.46
N LEU B 211 20.78 6.79 -12.23
CA LEU B 211 22.00 7.58 -12.07
C LEU B 211 22.16 7.99 -10.62
N GLN B 212 21.04 8.24 -9.96
CA GLN B 212 21.05 8.66 -8.56
C GLN B 212 21.03 7.47 -7.61
N ARG B 213 21.19 6.27 -8.17
CA ARG B 213 21.18 5.04 -7.40
C ARG B 213 19.92 4.89 -6.57
N ASP B 214 18.76 5.13 -7.17
CA ASP B 214 17.51 5.02 -6.46
C ASP B 214 17.33 3.58 -5.97
N GLU B 215 17.28 3.41 -4.66
CA GLU B 215 17.12 2.10 -4.07
C GLU B 215 16.03 1.27 -4.74
N GLU B 216 14.85 1.87 -4.90
CA GLU B 216 13.70 1.18 -5.50
C GLU B 216 13.75 0.88 -6.99
N VAL B 217 14.14 1.85 -7.80
CA VAL B 217 14.22 1.62 -9.24
C VAL B 217 15.34 0.67 -9.59
N ILE B 218 16.47 0.81 -8.91
CA ILE B 218 17.63 -0.04 -9.17
C ILE B 218 17.22 -1.50 -8.92
N LYS B 219 16.24 -1.71 -8.06
CA LYS B 219 15.76 -3.05 -7.74
C LYS B 219 14.94 -3.60 -8.92
N LEU B 220 13.98 -2.80 -9.37
CA LEU B 220 13.12 -3.17 -10.49
C LEU B 220 13.88 -3.42 -11.79
N VAL B 221 14.75 -2.47 -12.16
CA VAL B 221 15.54 -2.55 -13.37
C VAL B 221 16.51 -3.73 -13.35
N LEU B 222 16.73 -4.29 -12.16
CA LEU B 222 17.63 -5.43 -11.99
C LEU B 222 16.87 -6.74 -12.26
N LYS B 223 15.54 -6.65 -12.22
CA LYS B 223 14.69 -7.81 -12.46
C LYS B 223 14.55 -8.13 -13.96
N TYR B 224 14.86 -7.18 -14.82
CA TYR B 224 14.77 -7.40 -16.26
C TYR B 224 16.13 -7.49 -16.92
N LEU B 225 17.16 -6.98 -16.24
CA LEU B 225 18.53 -7.02 -16.75
C LEU B 225 19.39 -8.00 -15.97
N GLY B 226 20.34 -8.64 -16.65
CA GLY B 226 21.20 -9.57 -15.96
C GLY B 226 22.00 -8.79 -14.94
N GLN B 227 22.26 -9.39 -13.78
CA GLN B 227 23.06 -8.72 -12.76
C GLN B 227 24.30 -8.13 -13.42
N GLU B 228 24.75 -8.76 -14.50
CA GLU B 228 25.93 -8.33 -15.23
C GLU B 228 25.78 -6.91 -15.80
N LYS B 229 24.78 -6.72 -16.66
CA LYS B 229 24.53 -5.42 -17.28
C LYS B 229 24.29 -4.33 -16.26
N MET B 230 23.69 -4.68 -15.12
CA MET B 230 23.43 -3.67 -14.10
C MET B 230 24.75 -3.22 -13.49
N ASP B 231 25.80 -4.01 -13.68
CA ASP B 231 27.12 -3.65 -13.15
C ASP B 231 27.84 -2.81 -14.18
N GLU B 232 27.60 -3.10 -15.46
CA GLU B 232 28.20 -2.35 -16.56
C GLU B 232 27.65 -0.93 -16.47
N ILE B 233 26.39 -0.84 -16.08
CA ILE B 233 25.68 0.43 -15.93
C ILE B 233 26.11 1.15 -14.66
N LEU B 234 26.24 0.40 -13.58
CA LEU B 234 26.67 0.98 -12.31
C LEU B 234 28.12 1.44 -12.46
N LYS B 235 28.87 0.72 -13.29
CA LYS B 235 30.27 1.03 -13.54
C LYS B 235 30.38 2.41 -14.20
N HIS B 236 29.57 2.62 -15.24
CA HIS B 236 29.55 3.89 -15.98
C HIS B 236 29.09 5.02 -15.07
N ILE B 237 28.14 4.69 -14.20
CA ILE B 237 27.61 5.65 -13.24
C ILE B 237 28.74 6.03 -12.28
N SER B 238 29.57 5.05 -11.92
CA SER B 238 30.69 5.27 -11.01
C SER B 238 31.72 6.20 -11.63
N GLU B 239 31.91 6.10 -12.93
CA GLU B 239 32.86 6.96 -13.62
C GLU B 239 32.25 8.36 -13.69
N LEU B 240 30.95 8.44 -13.91
CA LEU B 240 30.28 9.74 -13.95
C LEU B 240 30.53 10.33 -12.57
N GLU B 241 30.34 9.51 -11.56
CA GLU B 241 30.55 9.91 -10.17
C GLU B 241 32.00 10.33 -9.98
N GLU B 242 32.85 10.08 -10.99
CA GLU B 242 34.26 10.46 -10.94
C GLU B 242 34.45 11.86 -11.52
N LYS B 243 33.98 12.06 -12.77
CA LYS B 243 34.10 13.38 -13.39
C LYS B 243 33.60 14.39 -12.35
N TYR B 244 32.33 14.23 -11.97
CA TYR B 244 31.75 15.09 -10.94
C TYR B 244 32.27 14.53 -9.64
N LYS B 245 32.99 15.35 -8.88
CA LYS B 245 33.54 14.88 -7.60
C LYS B 245 32.37 14.45 -6.70
N ARG B 246 31.38 15.33 -6.63
CA ARG B 246 30.18 15.13 -5.84
C ARG B 246 29.32 14.00 -6.40
N PRO B 247 28.51 13.33 -5.55
CA PRO B 247 27.66 12.24 -6.07
C PRO B 247 26.58 12.80 -6.99
N LEU B 248 25.98 11.93 -7.80
CA LEU B 248 24.99 12.38 -8.78
C LEU B 248 23.68 13.04 -8.37
N ASP B 249 23.12 12.69 -7.21
CA ASP B 249 21.87 13.35 -6.80
C ASP B 249 22.09 14.85 -6.65
N ILE B 250 23.26 15.21 -6.12
CA ILE B 250 23.63 16.61 -5.91
C ILE B 250 23.86 17.36 -7.21
N VAL B 251 24.44 16.69 -8.21
CA VAL B 251 24.70 17.34 -9.48
C VAL B 251 23.40 17.58 -10.22
N ILE B 252 22.52 16.59 -10.23
CA ILE B 252 21.24 16.73 -10.90
C ILE B 252 20.42 17.83 -10.23
N ALA B 253 20.48 17.88 -8.91
CA ALA B 253 19.75 18.89 -8.18
C ALA B 253 20.33 20.27 -8.49
N SER B 254 21.65 20.37 -8.48
CA SER B 254 22.31 21.64 -8.74
C SER B 254 21.87 22.21 -10.07
N GLN B 255 21.64 21.32 -11.04
CA GLN B 255 21.24 21.79 -12.35
C GLN B 255 19.74 22.11 -12.41
N LYS B 256 18.96 21.51 -11.51
CA LYS B 256 17.53 21.79 -11.44
C LYS B 256 17.36 23.21 -10.86
N TYR B 257 18.11 23.50 -9.81
CA TYR B 257 18.04 24.79 -9.14
C TYR B 257 18.36 25.94 -10.09
N GLU B 258 19.38 25.76 -10.94
CA GLU B 258 19.77 26.79 -11.87
C GLU B 258 18.69 26.96 -12.93
N PHE B 259 18.10 25.83 -13.33
CA PHE B 259 17.04 25.82 -14.33
C PHE B 259 15.91 26.69 -13.79
N LEU B 260 15.65 26.52 -12.50
CA LEU B 260 14.62 27.28 -11.82
C LEU B 260 15.00 28.75 -11.66
N GLU B 261 16.27 29.03 -11.37
CA GLU B 261 16.70 30.42 -11.21
C GLU B 261 16.55 31.16 -12.52
N GLN B 262 16.47 30.41 -13.61
CA GLN B 262 16.30 31.01 -14.93
C GLN B 262 14.81 31.27 -15.15
N LEU B 263 14.02 30.24 -14.86
CA LEU B 263 12.57 30.32 -14.99
C LEU B 263 12.05 31.40 -14.06
N LEU B 264 12.64 31.50 -12.87
CA LEU B 264 12.19 32.48 -11.91
C LEU B 264 12.45 33.93 -12.36
N ARG B 265 13.54 34.15 -13.10
CA ARG B 265 13.86 35.47 -13.59
C ARG B 265 12.79 35.89 -14.59
N LYS B 266 12.23 34.91 -15.29
CA LYS B 266 11.20 35.16 -16.28
C LYS B 266 9.84 35.42 -15.65
N PHE B 267 9.63 34.89 -14.45
CA PHE B 267 8.35 35.08 -13.77
C PHE B 267 8.26 36.40 -13.03
N VAL B 268 9.30 36.68 -12.23
CA VAL B 268 9.34 37.91 -11.47
C VAL B 268 9.20 39.09 -12.41
N VAL B 269 8.08 39.80 -12.31
CA VAL B 269 7.80 40.95 -13.16
C VAL B 269 8.92 41.97 -13.06
N MET C 1 -25.08 -63.55 -15.36
CA MET C 1 -24.83 -62.71 -14.15
C MET C 1 -26.04 -62.68 -13.20
N VAL C 2 -25.75 -62.68 -11.90
CA VAL C 2 -26.79 -62.62 -10.89
C VAL C 2 -27.19 -61.14 -10.80
N LEU C 3 -28.15 -60.82 -9.95
CA LEU C 3 -28.60 -59.44 -9.83
C LEU C 3 -27.68 -58.64 -8.91
N LYS C 4 -26.98 -57.68 -9.49
CA LYS C 4 -26.05 -56.84 -8.73
C LYS C 4 -26.71 -55.53 -8.29
N THR C 5 -26.56 -55.18 -7.02
CA THR C 5 -27.16 -53.96 -6.52
C THR C 5 -26.15 -52.83 -6.50
N VAL C 6 -26.63 -51.61 -6.78
CA VAL C 6 -25.76 -50.44 -6.79
C VAL C 6 -26.42 -49.35 -5.97
N ALA C 7 -25.83 -49.06 -4.81
CA ALA C 7 -26.38 -48.03 -3.94
C ALA C 7 -25.81 -46.66 -4.24
N LEU C 8 -26.70 -45.69 -4.43
CA LEU C 8 -26.25 -44.32 -4.68
C LEU C 8 -26.36 -43.59 -3.34
N VAL C 9 -25.27 -42.94 -2.94
CA VAL C 9 -25.22 -42.21 -1.68
C VAL C 9 -24.51 -40.87 -1.87
N GLY C 10 -24.80 -39.93 -0.98
CA GLY C 10 -24.19 -38.61 -1.04
C GLY C 10 -25.00 -37.58 -0.30
N ASN C 11 -24.50 -36.34 -0.25
CA ASN C 11 -25.21 -35.25 0.42
C ASN C 11 -26.45 -34.87 -0.37
N PRO C 12 -27.43 -34.25 0.29
CA PRO C 12 -28.65 -33.83 -0.42
C PRO C 12 -28.33 -32.79 -1.49
N ASN C 13 -29.14 -32.74 -2.53
CA ASN C 13 -29.00 -31.74 -3.59
C ASN C 13 -27.64 -31.58 -4.27
N VAL C 14 -26.98 -32.69 -4.62
CA VAL C 14 -25.69 -32.57 -5.31
C VAL C 14 -25.85 -33.22 -6.66
N GLY C 15 -27.06 -33.69 -6.94
CA GLY C 15 -27.33 -34.30 -8.22
C GLY C 15 -27.56 -35.79 -8.11
N LYS C 16 -27.53 -36.31 -6.90
CA LYS C 16 -27.74 -37.73 -6.72
C LYS C 16 -29.06 -38.18 -7.35
N THR C 17 -30.13 -37.42 -7.11
CA THR C 17 -31.43 -37.77 -7.66
C THR C 17 -31.45 -37.76 -9.18
N THR C 18 -30.61 -36.94 -9.80
CA THR C 18 -30.60 -36.90 -11.25
C THR C 18 -29.67 -37.94 -11.88
N ILE C 19 -28.63 -38.37 -11.16
CA ILE C 19 -27.75 -39.43 -11.66
C ILE C 19 -28.63 -40.68 -11.67
N PHE C 20 -29.44 -40.80 -10.63
CA PHE C 20 -30.33 -41.93 -10.51
C PHE C 20 -31.25 -42.01 -11.71
N ASN C 21 -31.73 -40.86 -12.17
CA ASN C 21 -32.61 -40.83 -13.34
C ASN C 21 -31.84 -41.25 -14.58
N ALA C 22 -30.64 -40.70 -14.75
CA ALA C 22 -29.82 -41.00 -15.89
C ALA C 22 -29.43 -42.47 -15.89
N LEU C 23 -29.46 -43.08 -14.71
CA LEU C 23 -29.09 -44.48 -14.60
C LEU C 23 -30.26 -45.43 -14.85
N THR C 24 -31.42 -45.10 -14.33
CA THR C 24 -32.56 -45.98 -14.47
C THR C 24 -33.59 -45.67 -15.55
N GLY C 25 -33.68 -44.42 -15.98
CA GLY C 25 -34.67 -44.06 -16.98
C GLY C 25 -36.06 -44.25 -16.41
N LEU C 26 -36.95 -44.85 -17.19
CA LEU C 26 -38.32 -45.08 -16.74
C LEU C 26 -38.49 -46.26 -15.78
N ARG C 27 -37.58 -47.22 -15.84
CA ARG C 27 -37.64 -48.41 -14.99
C ARG C 27 -37.44 -48.08 -13.50
N GLN C 28 -38.33 -47.27 -12.92
CA GLN C 28 -38.21 -46.91 -11.51
C GLN C 28 -39.41 -47.36 -10.70
N HIS C 29 -39.18 -47.59 -9.41
CA HIS C 29 -40.23 -48.00 -8.48
C HIS C 29 -40.15 -47.14 -7.24
N VAL C 30 -41.30 -46.79 -6.69
CA VAL C 30 -41.29 -45.97 -5.49
C VAL C 30 -42.01 -46.68 -4.38
N GLY C 31 -41.37 -46.73 -3.23
CA GLY C 31 -41.95 -47.38 -2.06
C GLY C 31 -41.30 -46.68 -0.90
N ASN C 32 -41.24 -47.30 0.26
CA ASN C 32 -40.58 -46.66 1.38
C ASN C 32 -39.86 -47.66 2.25
N TRP C 33 -38.95 -47.17 3.09
CA TRP C 33 -38.19 -48.07 3.95
C TRP C 33 -39.03 -48.57 5.11
N PRO C 34 -38.77 -49.81 5.56
CA PRO C 34 -39.45 -50.50 6.66
C PRO C 34 -39.58 -49.63 7.89
N GLY C 35 -40.64 -49.84 8.66
CA GLY C 35 -40.86 -49.09 9.89
C GLY C 35 -40.60 -47.59 9.91
N VAL C 36 -40.42 -46.97 8.74
CA VAL C 36 -40.18 -45.52 8.70
C VAL C 36 -40.91 -44.87 7.54
N THR C 37 -41.14 -43.56 7.64
CA THR C 37 -41.83 -42.85 6.58
C THR C 37 -40.84 -42.13 5.69
N VAL C 38 -39.94 -42.90 5.08
CA VAL C 38 -38.95 -42.32 4.19
C VAL C 38 -39.07 -43.03 2.88
N GLU C 39 -39.21 -42.26 1.81
CA GLU C 39 -39.35 -42.82 0.46
C GLU C 39 -38.16 -43.68 0.06
N LYS C 40 -38.41 -44.75 -0.69
CA LYS C 40 -37.34 -45.63 -1.19
C LYS C 40 -37.44 -45.80 -2.70
N LYS C 41 -36.49 -45.22 -3.42
CA LYS C 41 -36.50 -45.31 -4.86
C LYS C 41 -35.48 -46.31 -5.36
N GLU C 42 -35.89 -47.14 -6.32
CA GLU C 42 -35.00 -48.15 -6.90
C GLU C 42 -35.36 -48.33 -8.35
N GLY C 43 -34.40 -48.75 -9.16
CA GLY C 43 -34.67 -48.94 -10.57
C GLY C 43 -33.67 -49.87 -11.20
N ILE C 44 -33.87 -50.15 -12.48
CA ILE C 44 -32.99 -51.03 -13.21
C ILE C 44 -32.02 -50.23 -14.05
N MET C 45 -30.75 -50.63 -14.01
CA MET C 45 -29.71 -49.99 -14.81
C MET C 45 -29.23 -51.05 -15.77
N GLU C 46 -28.98 -50.67 -17.01
CA GLU C 46 -28.52 -51.63 -18.00
C GLU C 46 -27.28 -51.19 -18.74
N TYR C 47 -26.35 -52.12 -18.87
CA TYR C 47 -25.09 -51.88 -19.57
C TYR C 47 -24.65 -53.16 -20.24
N ARG C 48 -24.43 -53.12 -21.55
CA ARG C 48 -24.00 -54.29 -22.30
C ARG C 48 -24.88 -55.50 -21.99
N GLU C 49 -26.19 -55.32 -22.01
CA GLU C 49 -27.11 -56.43 -21.74
C GLU C 49 -27.00 -57.03 -20.35
N LYS C 50 -26.11 -56.49 -19.51
CA LYS C 50 -26.07 -56.86 -18.09
C LYS C 50 -26.98 -55.87 -17.32
N GLU C 51 -27.66 -56.37 -16.30
CA GLU C 51 -28.57 -55.53 -15.53
C GLU C 51 -28.26 -55.42 -14.04
N PHE C 52 -28.55 -54.23 -13.51
CA PHE C 52 -28.28 -53.91 -12.12
C PHE C 52 -29.45 -53.23 -11.40
N LEU C 53 -29.71 -53.62 -10.17
CA LEU C 53 -30.75 -52.98 -9.40
C LEU C 53 -30.07 -51.77 -8.73
N VAL C 54 -30.57 -50.56 -8.99
CA VAL C 54 -29.99 -49.38 -8.38
C VAL C 54 -30.85 -48.88 -7.22
N VAL C 55 -30.28 -48.82 -6.03
CA VAL C 55 -31.04 -48.35 -4.89
C VAL C 55 -30.51 -47.00 -4.46
N ASP C 56 -31.40 -46.02 -4.42
CA ASP C 56 -31.04 -44.66 -4.05
C ASP C 56 -31.24 -44.44 -2.55
N LEU C 57 -30.13 -44.23 -1.83
CA LEU C 57 -30.18 -44.00 -0.39
C LEU C 57 -30.52 -42.54 -0.09
N PRO C 58 -31.19 -42.28 1.04
CA PRO C 58 -31.52 -40.88 1.35
C PRO C 58 -30.30 -40.02 1.57
N GLY C 59 -30.34 -38.80 1.06
CA GLY C 59 -29.22 -37.89 1.20
C GLY C 59 -28.79 -37.70 2.64
N ILE C 60 -27.49 -37.78 2.87
CA ILE C 60 -26.93 -37.63 4.21
C ILE C 60 -25.58 -36.92 4.20
N TYR C 61 -25.24 -36.32 5.33
CA TYR C 61 -23.98 -35.61 5.47
C TYR C 61 -22.91 -36.45 6.14
N SER C 62 -23.34 -37.42 6.95
CA SER C 62 -22.40 -38.28 7.64
C SER C 62 -23.04 -39.64 7.94
N LEU C 63 -22.29 -40.50 8.62
CA LEU C 63 -22.81 -41.82 8.95
C LEU C 63 -22.85 -42.06 10.46
N THR C 64 -23.46 -41.14 11.18
CA THR C 64 -23.58 -41.27 12.62
C THR C 64 -24.88 -42.01 12.87
N ALA C 65 -25.39 -41.96 14.09
CA ALA C 65 -26.64 -42.61 14.43
C ALA C 65 -27.61 -41.57 14.99
N HIS C 66 -27.55 -40.37 14.43
CA HIS C 66 -28.39 -39.26 14.90
C HIS C 66 -29.61 -38.96 14.03
N SER C 67 -29.84 -39.76 13.00
CA SER C 67 -31.00 -39.54 12.14
C SER C 67 -31.36 -40.84 11.44
N ILE C 68 -32.60 -40.94 10.98
CA ILE C 68 -33.05 -42.15 10.32
C ILE C 68 -32.33 -42.35 9.00
N ASP C 69 -32.26 -41.31 8.18
CA ASP C 69 -31.60 -41.42 6.89
C ASP C 69 -30.16 -41.94 7.01
N GLU C 70 -29.44 -41.48 8.02
CA GLU C 70 -28.07 -41.93 8.19
C GLU C 70 -28.06 -43.43 8.43
N LEU C 71 -28.84 -43.88 9.41
CA LEU C 71 -28.89 -45.30 9.70
C LEU C 71 -29.32 -46.16 8.51
N ILE C 72 -30.26 -45.68 7.70
CA ILE C 72 -30.67 -46.47 6.54
C ILE C 72 -29.43 -46.73 5.70
N ALA C 73 -28.70 -45.67 5.38
CA ALA C 73 -27.51 -45.83 4.57
C ALA C 73 -26.46 -46.72 5.19
N ARG C 74 -26.19 -46.55 6.48
CA ARG C 74 -25.15 -47.38 7.08
C ARG C 74 -25.54 -48.85 7.18
N ASN C 75 -26.77 -49.11 7.61
CA ASN C 75 -27.21 -50.48 7.75
C ASN C 75 -27.26 -51.19 6.43
N PHE C 76 -27.77 -50.49 5.42
CA PHE C 76 -27.85 -51.08 4.09
C PHE C 76 -26.45 -51.46 3.61
N ILE C 77 -25.44 -50.66 3.95
CA ILE C 77 -24.07 -50.96 3.52
C ILE C 77 -23.42 -52.06 4.37
N LEU C 78 -23.35 -51.85 5.68
CA LEU C 78 -22.72 -52.83 6.57
C LEU C 78 -23.32 -54.22 6.38
N ASP C 79 -24.64 -54.30 6.28
CA ASP C 79 -25.26 -55.60 6.10
C ASP C 79 -24.93 -56.19 4.72
N GLY C 80 -24.18 -55.44 3.92
CA GLY C 80 -23.77 -55.91 2.60
C GLY C 80 -24.85 -56.03 1.55
N ASN C 81 -25.79 -55.09 1.53
CA ASN C 81 -26.83 -55.14 0.52
C ASN C 81 -26.41 -54.44 -0.75
N ALA C 82 -25.19 -53.90 -0.76
CA ALA C 82 -24.70 -53.19 -1.94
C ALA C 82 -23.49 -53.85 -2.59
N ASP C 83 -23.62 -54.22 -3.86
CA ASP C 83 -22.53 -54.84 -4.60
C ASP C 83 -21.53 -53.77 -5.09
N VAL C 84 -22.05 -52.59 -5.38
CA VAL C 84 -21.26 -51.45 -5.82
C VAL C 84 -21.82 -50.23 -5.11
N ILE C 85 -20.95 -49.32 -4.68
CA ILE C 85 -21.40 -48.13 -3.98
C ILE C 85 -20.92 -46.91 -4.73
N VAL C 86 -21.84 -46.03 -5.10
CA VAL C 86 -21.49 -44.81 -5.82
C VAL C 86 -21.70 -43.56 -4.98
N ASP C 87 -20.61 -42.86 -4.72
CA ASP C 87 -20.59 -41.63 -3.94
C ASP C 87 -20.73 -40.40 -4.84
N ILE C 88 -21.87 -39.72 -4.77
CA ILE C 88 -22.07 -38.53 -5.60
C ILE C 88 -21.55 -37.29 -4.85
N VAL C 89 -20.59 -36.61 -5.44
CA VAL C 89 -19.99 -35.44 -4.81
C VAL C 89 -20.10 -34.17 -5.64
N ASP C 90 -20.42 -33.06 -4.97
CA ASP C 90 -20.52 -31.77 -5.63
C ASP C 90 -19.09 -31.23 -5.79
N SER C 91 -18.56 -31.27 -7.01
CA SER C 91 -17.19 -30.80 -7.30
C SER C 91 -16.91 -29.40 -6.78
N THR C 92 -17.95 -28.58 -6.73
CA THR C 92 -17.81 -27.21 -6.27
C THR C 92 -17.77 -27.00 -4.77
N CYS C 93 -17.96 -28.06 -4.00
CA CYS C 93 -17.96 -27.93 -2.55
C CYS C 93 -17.38 -29.17 -1.88
N LEU C 94 -16.15 -29.50 -2.26
CA LEU C 94 -15.45 -30.68 -1.73
C LEU C 94 -15.35 -30.87 -0.22
N MET C 95 -14.74 -29.92 0.49
CA MET C 95 -14.61 -30.05 1.94
C MET C 95 -15.89 -30.67 2.57
N ARG C 96 -17.03 -30.01 2.39
CA ARG C 96 -18.31 -30.47 2.92
C ARG C 96 -18.68 -31.89 2.48
N ASN C 97 -18.59 -32.13 1.16
CA ASN C 97 -18.93 -33.43 0.58
C ASN C 97 -18.05 -34.61 0.91
N LEU C 98 -16.74 -34.42 0.93
CA LEU C 98 -15.83 -35.52 1.21
C LEU C 98 -15.84 -36.07 2.64
N PHE C 99 -16.43 -35.32 3.58
CA PHE C 99 -16.49 -35.80 4.97
C PHE C 99 -17.23 -37.14 4.96
N LEU C 100 -18.35 -37.18 4.23
CA LEU C 100 -19.14 -38.39 4.10
C LEU C 100 -18.35 -39.45 3.36
N THR C 101 -17.52 -39.01 2.42
CA THR C 101 -16.70 -39.92 1.66
C THR C 101 -15.79 -40.67 2.65
N LEU C 102 -15.15 -39.92 3.55
CA LEU C 102 -14.29 -40.52 4.57
C LEU C 102 -15.07 -41.49 5.46
N GLU C 103 -16.23 -41.04 5.95
CA GLU C 103 -17.08 -41.90 6.77
C GLU C 103 -17.24 -43.22 6.04
N LEU C 104 -17.40 -43.15 4.72
CA LEU C 104 -17.57 -44.33 3.90
C LEU C 104 -16.30 -45.15 3.82
N PHE C 105 -15.17 -44.49 3.59
CA PHE C 105 -13.91 -45.23 3.48
C PHE C 105 -13.61 -45.99 4.76
N GLU C 106 -13.99 -45.42 5.90
CA GLU C 106 -13.75 -46.05 7.19
C GLU C 106 -14.61 -47.28 7.45
N MET C 107 -15.70 -47.45 6.71
CA MET C 107 -16.53 -48.64 6.91
C MET C 107 -15.83 -49.83 6.24
N GLU C 108 -14.61 -49.58 5.76
CA GLU C 108 -13.79 -50.58 5.11
C GLU C 108 -14.36 -51.04 3.77
N VAL C 109 -15.22 -50.22 3.20
CA VAL C 109 -15.83 -50.50 1.91
C VAL C 109 -14.77 -50.41 0.81
N LYS C 110 -14.71 -51.41 -0.06
CA LYS C 110 -13.74 -51.42 -1.15
C LYS C 110 -14.37 -51.12 -2.48
N ASN C 111 -15.58 -51.64 -2.67
CA ASN C 111 -16.31 -51.46 -3.92
C ASN C 111 -17.02 -50.13 -3.92
N ILE C 112 -16.26 -49.04 -4.03
CA ILE C 112 -16.86 -47.72 -4.03
C ILE C 112 -16.31 -46.92 -5.20
N ILE C 113 -17.11 -45.99 -5.70
CA ILE C 113 -16.74 -45.16 -6.84
C ILE C 113 -17.14 -43.72 -6.54
N LEU C 114 -16.22 -42.79 -6.73
CA LEU C 114 -16.50 -41.40 -6.47
C LEU C 114 -16.97 -40.74 -7.75
N VAL C 115 -18.08 -40.03 -7.67
CA VAL C 115 -18.62 -39.34 -8.84
C VAL C 115 -18.50 -37.84 -8.61
N LEU C 116 -17.73 -37.15 -9.46
CA LEU C 116 -17.54 -35.71 -9.34
C LEU C 116 -18.56 -35.00 -10.21
N ASN C 117 -19.73 -34.76 -9.65
CA ASN C 117 -20.79 -34.11 -10.39
C ASN C 117 -20.63 -32.60 -10.45
N LYS C 118 -21.31 -32.01 -11.43
CA LYS C 118 -21.28 -30.57 -11.66
C LYS C 118 -19.86 -30.11 -12.00
N PHE C 119 -19.06 -31.03 -12.53
CA PHE C 119 -17.67 -30.74 -12.89
C PHE C 119 -17.53 -29.53 -13.80
N ASP C 120 -18.40 -29.43 -14.80
CA ASP C 120 -18.39 -28.33 -15.75
C ASP C 120 -18.52 -26.96 -15.07
N LEU C 121 -19.01 -26.97 -13.82
CA LEU C 121 -19.20 -25.73 -13.06
C LEU C 121 -17.97 -25.32 -12.25
N LEU C 122 -16.81 -25.91 -12.56
CA LEU C 122 -15.57 -25.59 -11.86
C LEU C 122 -14.85 -24.41 -12.53
N ALA C 127 -10.83 -22.40 -9.92
CA ALA C 127 -10.86 -23.68 -9.22
C ALA C 127 -10.72 -24.85 -10.20
N LYS C 128 -9.69 -25.67 -9.98
CA LYS C 128 -9.43 -26.82 -10.85
C LYS C 128 -9.17 -28.08 -10.02
N ILE C 129 -9.56 -29.24 -10.56
CA ILE C 129 -9.34 -30.50 -9.87
C ILE C 129 -8.41 -31.39 -10.68
N ASP C 130 -7.23 -31.70 -10.15
CA ASP C 130 -6.30 -32.56 -10.87
C ASP C 130 -6.84 -33.97 -10.64
N ILE C 131 -7.79 -34.39 -11.46
CA ILE C 131 -8.40 -35.70 -11.31
C ILE C 131 -7.47 -36.89 -11.06
N LYS C 132 -6.53 -37.12 -11.97
CA LYS C 132 -5.61 -38.25 -11.81
C LYS C 132 -4.95 -38.18 -10.45
N LYS C 133 -4.55 -36.97 -10.05
CA LYS C 133 -3.91 -36.79 -8.76
C LYS C 133 -4.93 -37.14 -7.66
N MET C 134 -6.20 -36.84 -7.90
CA MET C 134 -7.26 -37.15 -6.94
C MET C 134 -7.50 -38.67 -6.91
N ARG C 135 -7.57 -39.30 -8.07
CA ARG C 135 -7.81 -40.73 -8.12
C ARG C 135 -6.72 -41.47 -7.36
N LYS C 136 -5.49 -41.04 -7.54
CA LYS C 136 -4.35 -41.66 -6.87
C LYS C 136 -4.36 -41.43 -5.36
N GLU C 137 -4.76 -40.23 -4.95
CA GLU C 137 -4.81 -39.89 -3.52
C GLU C 137 -5.91 -40.59 -2.73
N LEU C 138 -7.07 -40.79 -3.36
CA LEU C 138 -8.19 -41.45 -2.68
C LEU C 138 -8.17 -42.96 -2.86
N GLY C 139 -7.63 -43.43 -3.99
CA GLY C 139 -7.54 -44.87 -4.22
C GLY C 139 -8.80 -45.55 -4.71
N VAL C 140 -9.62 -44.82 -5.46
CA VAL C 140 -10.84 -45.36 -6.01
C VAL C 140 -11.07 -44.63 -7.32
N PRO C 141 -11.94 -45.15 -8.20
CA PRO C 141 -12.13 -44.41 -9.44
C PRO C 141 -12.84 -43.08 -9.20
N VAL C 142 -12.54 -42.11 -10.04
CA VAL C 142 -13.16 -40.80 -9.92
C VAL C 142 -13.73 -40.37 -11.26
N ILE C 143 -15.03 -40.57 -11.44
CA ILE C 143 -15.66 -40.19 -12.69
C ILE C 143 -16.20 -38.77 -12.61
N PRO C 144 -15.91 -37.94 -13.61
CA PRO C 144 -16.38 -36.55 -13.68
C PRO C 144 -17.69 -36.62 -14.45
N THR C 145 -18.70 -35.88 -14.01
CA THR C 145 -19.97 -35.92 -14.71
C THR C 145 -20.76 -34.63 -14.64
N ASN C 146 -21.77 -34.59 -15.49
CA ASN C 146 -22.70 -33.48 -15.60
C ASN C 146 -24.01 -34.24 -15.73
N ALA C 147 -24.53 -34.71 -14.61
CA ALA C 147 -25.77 -35.47 -14.60
C ALA C 147 -26.87 -34.81 -15.43
N LYS C 148 -26.96 -33.49 -15.32
CA LYS C 148 -27.98 -32.75 -16.03
C LYS C 148 -27.88 -32.89 -17.55
N LYS C 149 -26.69 -32.61 -18.09
CA LYS C 149 -26.47 -32.70 -19.54
C LYS C 149 -26.20 -34.13 -20.04
N GLY C 150 -26.13 -35.08 -19.12
CA GLY C 150 -25.91 -36.46 -19.49
C GLY C 150 -24.46 -36.87 -19.74
N GLU C 151 -23.52 -36.06 -19.26
CA GLU C 151 -22.10 -36.35 -19.46
C GLU C 151 -21.51 -37.25 -18.39
N GLY C 152 -20.52 -38.05 -18.79
CA GLY C 152 -19.87 -38.97 -17.86
C GLY C 152 -20.69 -40.17 -17.47
N VAL C 153 -22.01 -40.07 -17.65
CA VAL C 153 -22.93 -41.14 -17.31
C VAL C 153 -22.57 -42.48 -17.94
N GLU C 154 -22.27 -42.47 -19.23
CA GLU C 154 -21.91 -43.69 -19.91
C GLU C 154 -20.69 -44.31 -19.25
N GLU C 155 -19.69 -43.47 -18.96
CA GLU C 155 -18.47 -43.94 -18.32
C GLU C 155 -18.78 -44.49 -16.92
N LEU C 156 -19.68 -43.82 -16.21
CA LEU C 156 -20.04 -44.30 -14.88
C LEU C 156 -20.57 -45.74 -14.99
N LYS C 157 -21.49 -45.98 -15.93
CA LYS C 157 -22.04 -47.32 -16.13
C LYS C 157 -20.92 -48.33 -16.38
N ARG C 158 -20.01 -47.98 -17.29
CA ARG C 158 -18.90 -48.89 -17.60
C ARG C 158 -18.12 -49.25 -16.35
N MET C 159 -17.81 -48.26 -15.52
CA MET C 159 -17.05 -48.49 -14.29
C MET C 159 -17.89 -49.27 -13.26
N ILE C 160 -19.18 -48.94 -13.13
CA ILE C 160 -20.03 -49.67 -12.20
C ILE C 160 -20.01 -51.14 -12.58
N ALA C 161 -20.08 -51.40 -13.89
CA ALA C 161 -20.08 -52.77 -14.40
C ALA C 161 -18.74 -53.39 -14.10
N LEU C 162 -17.69 -52.73 -14.58
CA LEU C 162 -16.33 -53.21 -14.38
C LEU C 162 -16.11 -53.69 -12.93
N MET C 163 -16.47 -52.84 -11.97
CA MET C 163 -16.31 -53.14 -10.54
C MET C 163 -17.18 -54.29 -10.05
N ALA C 164 -18.41 -54.37 -10.53
CA ALA C 164 -19.31 -55.45 -10.12
C ALA C 164 -18.71 -56.78 -10.55
N GLU C 165 -18.06 -56.73 -11.71
CA GLU C 165 -17.40 -57.89 -12.31
C GLU C 165 -16.16 -58.29 -11.51
N GLY C 166 -15.50 -57.30 -10.89
CA GLY C 166 -14.32 -57.59 -10.10
C GLY C 166 -13.03 -57.19 -10.80
N LYS C 167 -13.15 -56.61 -11.99
CA LYS C 167 -11.97 -56.20 -12.73
C LYS C 167 -11.37 -54.87 -12.26
N VAL C 168 -11.85 -54.35 -11.15
CA VAL C 168 -11.33 -53.08 -10.66
C VAL C 168 -10.72 -53.22 -9.27
N THR C 169 -9.56 -52.62 -9.06
CA THR C 169 -8.93 -52.68 -7.73
C THR C 169 -8.94 -51.30 -7.11
N THR C 170 -9.23 -51.29 -5.82
CA THR C 170 -9.30 -50.05 -5.05
C THR C 170 -8.64 -50.21 -3.69
N ASN C 171 -8.17 -49.10 -3.16
CA ASN C 171 -7.56 -49.07 -1.84
C ASN C 171 -7.88 -47.70 -1.27
N PRO C 172 -9.13 -47.51 -0.83
CA PRO C 172 -9.54 -46.23 -0.27
C PRO C 172 -8.67 -45.80 0.89
N ILE C 173 -8.05 -44.64 0.75
CA ILE C 173 -7.19 -44.11 1.79
C ILE C 173 -7.99 -44.04 3.06
N ILE C 174 -7.36 -44.36 4.18
CA ILE C 174 -8.04 -44.34 5.46
C ILE C 174 -7.41 -43.31 6.39
N PRO C 175 -8.20 -42.32 6.81
CA PRO C 175 -7.75 -41.25 7.70
C PRO C 175 -6.97 -41.76 8.90
N ARG C 176 -5.82 -41.15 9.16
CA ARG C 176 -4.99 -41.51 10.30
C ARG C 176 -5.20 -40.41 11.32
N TYR C 177 -5.53 -40.79 12.56
CA TYR C 177 -5.74 -39.80 13.61
C TYR C 177 -4.46 -39.56 14.40
N ASP C 178 -4.55 -38.90 15.54
CA ASP C 178 -3.34 -38.64 16.32
C ASP C 178 -2.99 -39.82 17.23
N GLU C 179 -1.69 -39.99 17.47
CA GLU C 179 -1.17 -41.08 18.30
C GLU C 179 -2.05 -41.55 19.47
N ASP C 180 -2.62 -40.64 20.23
CA ASP C 180 -3.46 -41.06 21.35
C ASP C 180 -4.72 -41.78 20.91
N ILE C 181 -5.43 -41.21 19.95
CA ILE C 181 -6.66 -41.83 19.45
C ILE C 181 -6.27 -43.11 18.73
N GLU C 182 -5.28 -43.01 17.85
CA GLU C 182 -4.82 -44.15 17.10
C GLU C 182 -4.44 -45.34 18.00
N ARG C 183 -3.90 -45.04 19.17
CA ARG C 183 -3.50 -46.12 20.09
C ARG C 183 -4.69 -46.83 20.72
N GLU C 184 -5.76 -46.09 21.01
CA GLU C 184 -6.94 -46.73 21.59
C GLU C 184 -7.63 -47.58 20.53
N ILE C 185 -7.68 -47.06 19.31
CA ILE C 185 -8.28 -47.78 18.20
C ILE C 185 -7.55 -49.10 18.07
N LYS C 186 -6.26 -49.08 18.39
CA LYS C 186 -5.41 -50.27 18.33
C LYS C 186 -5.77 -51.26 19.43
N HIS C 187 -5.86 -50.77 20.66
CA HIS C 187 -6.17 -51.64 21.77
C HIS C 187 -7.62 -52.12 21.79
N ILE C 188 -8.57 -51.25 21.44
CA ILE C 188 -9.95 -51.69 21.42
C ILE C 188 -10.11 -52.71 20.30
N SER C 189 -9.36 -52.53 19.22
CA SER C 189 -9.44 -53.46 18.11
C SER C 189 -9.15 -54.88 18.54
N GLU C 190 -7.98 -55.13 19.12
CA GLU C 190 -7.62 -56.48 19.56
C GLU C 190 -8.50 -56.96 20.70
N LEU C 191 -9.07 -56.04 21.46
CA LEU C 191 -9.95 -56.41 22.55
C LEU C 191 -11.29 -56.78 21.93
N LEU C 192 -11.27 -57.03 20.62
CA LEU C 192 -12.45 -57.41 19.82
C LEU C 192 -12.06 -58.40 18.73
N ARG C 193 -10.81 -58.30 18.26
CA ARG C 193 -10.30 -59.17 17.20
C ARG C 193 -10.53 -60.66 17.49
N GLY C 194 -10.97 -61.38 16.46
CA GLY C 194 -11.22 -62.80 16.63
C GLY C 194 -12.65 -63.14 17.04
N THR C 195 -13.26 -62.28 17.86
CA THR C 195 -14.63 -62.52 18.33
C THR C 195 -15.59 -62.62 17.13
N PRO C 196 -16.86 -62.97 17.36
CA PRO C 196 -17.82 -63.09 16.26
C PRO C 196 -17.96 -61.79 15.45
N LEU C 197 -17.84 -60.65 16.14
CA LEU C 197 -17.96 -59.36 15.49
C LEU C 197 -16.91 -59.18 14.42
N ALA C 198 -15.68 -59.56 14.74
CA ALA C 198 -14.58 -59.43 13.79
C ALA C 198 -14.99 -59.93 12.41
N GLU C 199 -15.81 -60.97 12.39
CA GLU C 199 -16.25 -61.56 11.13
C GLU C 199 -17.41 -60.82 10.45
N LYS C 200 -18.37 -60.34 11.24
CA LYS C 200 -19.53 -59.63 10.67
C LYS C 200 -19.40 -58.12 10.51
N TYR C 201 -18.42 -57.53 11.17
CA TYR C 201 -18.22 -56.09 11.06
C TYR C 201 -16.74 -55.73 11.10
N PRO C 202 -16.38 -54.58 10.51
CA PRO C 202 -14.98 -54.19 10.52
C PRO C 202 -14.60 -53.61 11.89
N ILE C 203 -13.53 -54.14 12.48
CA ILE C 203 -13.07 -53.69 13.80
C ILE C 203 -12.66 -52.23 13.82
N ARG C 204 -11.76 -51.86 12.92
CA ARG C 204 -11.29 -50.47 12.84
C ARG C 204 -12.49 -49.57 13.04
N TRP C 205 -13.50 -49.80 12.21
CA TRP C 205 -14.75 -49.05 12.25
C TRP C 205 -15.41 -49.11 13.63
N LEU C 206 -15.64 -50.33 14.11
CA LEU C 206 -16.25 -50.58 15.42
C LEU C 206 -15.53 -49.79 16.51
N ALA C 207 -14.21 -49.81 16.47
CA ALA C 207 -13.41 -49.09 17.46
C ALA C 207 -13.75 -47.60 17.39
N LEU C 208 -13.66 -47.03 16.19
CA LEU C 208 -13.95 -45.62 15.98
C LEU C 208 -15.34 -45.21 16.49
N LYS C 209 -16.35 -46.05 16.27
CA LYS C 209 -17.72 -45.74 16.72
C LYS C 209 -17.81 -45.91 18.23
N LEU C 210 -17.15 -46.93 18.76
CA LEU C 210 -17.18 -47.13 20.20
C LEU C 210 -16.64 -45.87 20.88
N LEU C 211 -15.48 -45.40 20.41
CA LEU C 211 -14.88 -44.20 20.98
C LEU C 211 -15.84 -43.00 20.97
N GLN C 212 -16.78 -42.99 20.03
CA GLN C 212 -17.72 -41.87 19.96
C GLN C 212 -19.02 -42.21 20.66
N ARG C 213 -19.04 -43.33 21.37
CA ARG C 213 -20.24 -43.75 22.08
C ARG C 213 -21.39 -43.70 21.08
N ASP C 214 -21.30 -44.53 20.05
CA ASP C 214 -22.32 -44.61 19.02
C ASP C 214 -23.42 -45.55 19.52
N GLU C 215 -24.63 -45.01 19.65
CA GLU C 215 -25.77 -45.78 20.15
C GLU C 215 -25.87 -47.20 19.59
N GLU C 216 -25.92 -47.34 18.27
CA GLU C 216 -26.04 -48.66 17.68
C GLU C 216 -24.93 -49.60 18.09
N VAL C 217 -23.67 -49.20 17.86
CA VAL C 217 -22.53 -50.04 18.19
C VAL C 217 -22.43 -50.35 19.67
N ILE C 218 -22.88 -49.41 20.50
CA ILE C 218 -22.88 -49.60 21.93
C ILE C 218 -23.62 -50.91 22.19
N LYS C 219 -24.90 -50.92 21.83
CA LYS C 219 -25.73 -52.10 22.03
C LYS C 219 -25.14 -53.32 21.35
N LEU C 220 -24.65 -53.15 20.13
CA LEU C 220 -24.08 -54.27 19.37
C LEU C 220 -22.81 -54.92 19.94
N VAL C 221 -22.25 -54.33 21.01
CA VAL C 221 -21.06 -54.90 21.62
C VAL C 221 -21.50 -55.64 22.89
N LEU C 222 -22.62 -55.21 23.45
CA LEU C 222 -23.15 -55.85 24.66
C LEU C 222 -23.59 -57.29 24.42
N LYS C 223 -24.26 -57.54 23.29
CA LYS C 223 -24.73 -58.89 23.00
C LYS C 223 -23.71 -59.81 22.34
N TYR C 224 -23.38 -59.57 21.07
CA TYR C 224 -22.43 -60.43 20.35
C TYR C 224 -21.18 -60.77 21.18
N LEU C 225 -20.83 -59.86 22.10
CA LEU C 225 -19.67 -60.05 22.98
C LEU C 225 -20.04 -59.74 24.42
N GLY C 226 -19.47 -60.52 25.34
CA GLY C 226 -19.76 -60.32 26.76
C GLY C 226 -19.87 -58.89 27.21
N GLN C 227 -20.75 -58.64 28.18
CA GLN C 227 -20.94 -57.31 28.73
C GLN C 227 -19.73 -57.05 29.64
N GLU C 228 -19.09 -58.15 30.05
CA GLU C 228 -17.89 -58.11 30.88
C GLU C 228 -16.74 -57.67 29.99
N LYS C 229 -16.89 -57.96 28.69
CA LYS C 229 -15.87 -57.59 27.70
C LYS C 229 -16.04 -56.12 27.34
N MET C 230 -17.27 -55.62 27.42
CA MET C 230 -17.59 -54.22 27.10
C MET C 230 -17.09 -53.27 28.20
N ASP C 231 -17.08 -53.74 29.43
CA ASP C 231 -16.61 -52.91 30.53
C ASP C 231 -15.11 -52.71 30.31
N GLU C 232 -14.50 -53.65 29.59
CA GLU C 232 -13.08 -53.60 29.27
C GLU C 232 -12.83 -52.51 28.22
N ILE C 233 -13.77 -52.39 27.27
CA ILE C 233 -13.68 -51.38 26.22
C ILE C 233 -13.96 -50.01 26.84
N LEU C 234 -14.80 -50.00 27.87
CA LEU C 234 -15.16 -48.77 28.58
C LEU C 234 -13.91 -48.15 29.21
N LYS C 235 -12.88 -48.98 29.35
CA LYS C 235 -11.61 -48.55 29.92
C LYS C 235 -10.83 -47.72 28.90
N HIS C 236 -10.42 -48.38 27.82
CA HIS C 236 -9.67 -47.72 26.76
C HIS C 236 -10.40 -46.48 26.25
N ILE C 237 -11.72 -46.44 26.46
CA ILE C 237 -12.52 -45.30 26.00
C ILE C 237 -12.48 -44.14 26.99
N SER C 238 -12.53 -44.43 28.28
CA SER C 238 -12.49 -43.36 29.28
C SER C 238 -11.09 -42.76 29.34
N GLU C 239 -10.09 -43.56 28.99
CA GLU C 239 -8.69 -43.13 29.00
C GLU C 239 -8.42 -42.05 27.96
N LEU C 240 -9.01 -42.21 26.78
CA LEU C 240 -8.84 -41.23 25.71
C LEU C 240 -9.71 -40.02 26.01
N GLU C 241 -10.86 -40.26 26.63
CA GLU C 241 -11.79 -39.20 26.98
C GLU C 241 -11.19 -38.19 27.94
N GLU C 242 -10.41 -38.69 28.90
CA GLU C 242 -9.77 -37.83 29.87
C GLU C 242 -9.00 -36.70 29.20
N LYS C 243 -8.17 -37.06 28.21
CA LYS C 243 -7.35 -36.10 27.48
C LYS C 243 -8.07 -34.89 26.85
N TYR C 244 -9.24 -35.11 26.28
CA TYR C 244 -9.97 -34.03 25.64
C TYR C 244 -11.11 -33.51 26.50
N LYS C 245 -11.43 -32.22 26.31
CA LYS C 245 -12.53 -31.61 27.04
C LYS C 245 -13.78 -31.81 26.20
N ARG C 246 -13.72 -31.40 24.93
CA ARG C 246 -14.83 -31.57 24.00
C ARG C 246 -15.11 -33.07 23.88
N PRO C 247 -16.35 -33.45 23.52
CA PRO C 247 -16.61 -34.88 23.37
C PRO C 247 -15.83 -35.50 22.21
N LEU C 248 -15.50 -36.79 22.33
CA LEU C 248 -14.73 -37.47 21.31
C LEU C 248 -15.24 -37.38 19.86
N ASP C 249 -16.55 -37.40 19.69
CA ASP C 249 -17.11 -37.33 18.35
C ASP C 249 -16.73 -36.01 17.64
N ILE C 250 -16.55 -34.94 18.41
CA ILE C 250 -16.17 -33.65 17.85
C ILE C 250 -14.68 -33.69 17.52
N VAL C 251 -13.90 -34.24 18.44
CA VAL C 251 -12.47 -34.35 18.24
C VAL C 251 -12.17 -35.12 16.94
N ILE C 252 -12.85 -36.25 16.77
CA ILE C 252 -12.65 -37.07 15.57
C ILE C 252 -13.17 -36.36 14.31
N ALA C 253 -14.28 -35.63 14.45
CA ALA C 253 -14.84 -34.94 13.31
C ALA C 253 -13.89 -33.84 12.87
N SER C 254 -13.37 -33.09 13.84
CA SER C 254 -12.46 -32.03 13.49
C SER C 254 -11.20 -32.64 12.87
N GLN C 255 -10.74 -33.77 13.41
CA GLN C 255 -9.53 -34.40 12.85
C GLN C 255 -9.72 -34.93 11.43
N LYS C 256 -10.95 -35.28 11.07
CA LYS C 256 -11.22 -35.73 9.71
C LYS C 256 -10.99 -34.53 8.78
N TYR C 257 -11.55 -33.36 9.14
CA TYR C 257 -11.39 -32.15 8.35
C TYR C 257 -9.92 -31.77 8.26
N GLU C 258 -9.16 -32.13 9.30
CA GLU C 258 -7.74 -31.86 9.32
C GLU C 258 -7.14 -32.61 8.14
N PHE C 259 -7.41 -33.91 8.11
CA PHE C 259 -6.94 -34.83 7.07
C PHE C 259 -7.45 -34.41 5.69
N LEU C 260 -8.66 -33.84 5.67
CA LEU C 260 -9.27 -33.41 4.45
C LEU C 260 -8.60 -32.15 3.89
N GLU C 261 -8.07 -31.32 4.77
CA GLU C 261 -7.39 -30.10 4.32
C GLU C 261 -6.07 -30.45 3.63
N GLN C 262 -5.31 -31.33 4.28
CA GLN C 262 -4.03 -31.77 3.75
C GLN C 262 -4.26 -32.48 2.45
N LEU C 263 -5.36 -33.22 2.39
CA LEU C 263 -5.72 -33.97 1.20
C LEU C 263 -6.06 -33.05 0.02
N LEU C 264 -6.95 -32.08 0.24
CA LEU C 264 -7.32 -31.19 -0.85
C LEU C 264 -6.15 -30.36 -1.36
N ARG C 265 -5.26 -29.94 -0.46
CA ARG C 265 -4.09 -29.16 -0.83
C ARG C 265 -3.35 -29.85 -1.97
N LYS C 266 -3.50 -31.17 -2.07
CA LYS C 266 -2.80 -31.91 -3.11
C LYS C 266 -3.41 -31.91 -4.50
N PHE C 267 -4.68 -32.30 -4.64
CA PHE C 267 -5.26 -32.34 -5.98
C PHE C 267 -6.09 -31.14 -6.40
N VAL C 268 -6.10 -30.07 -5.61
CA VAL C 268 -6.87 -28.90 -5.97
C VAL C 268 -5.98 -27.68 -6.17
N VAL C 269 -6.45 -26.75 -7.00
CA VAL C 269 -5.70 -25.53 -7.28
C VAL C 269 -6.62 -24.36 -7.59
N HIS C 270 -6.36 -23.23 -6.92
CA HIS C 270 -7.15 -22.02 -7.07
C HIS C 270 -6.60 -21.23 -8.27
N GLU C 271 -7.40 -21.17 -9.34
CA GLU C 271 -7.07 -20.50 -10.61
C GLU C 271 -6.62 -21.56 -11.63
N MET D 1 -22.50 15.26 6.99
CA MET D 1 -22.01 14.01 7.65
C MET D 1 -20.73 13.53 6.97
N VAL D 2 -19.82 12.97 7.78
CA VAL D 2 -18.54 12.46 7.30
C VAL D 2 -18.71 11.36 6.24
N LEU D 3 -17.79 11.33 5.27
CA LEU D 3 -17.82 10.31 4.22
C LEU D 3 -17.54 8.96 4.87
N LYS D 4 -18.46 8.02 4.70
CA LYS D 4 -18.28 6.69 5.28
C LYS D 4 -17.75 5.70 4.25
N THR D 5 -17.06 4.68 4.73
CA THR D 5 -16.51 3.66 3.86
C THR D 5 -17.12 2.30 4.10
N VAL D 6 -17.33 1.57 3.00
CA VAL D 6 -17.89 0.22 3.03
C VAL D 6 -17.01 -0.74 2.22
N ALA D 7 -16.54 -1.80 2.85
CA ALA D 7 -15.67 -2.74 2.17
C ALA D 7 -16.36 -4.04 1.81
N LEU D 8 -16.19 -4.47 0.57
CA LEU D 8 -16.77 -5.71 0.10
C LEU D 8 -15.67 -6.76 0.16
N VAL D 9 -15.85 -7.78 0.99
CA VAL D 9 -14.87 -8.85 1.11
C VAL D 9 -15.55 -10.19 0.82
N GLY D 10 -14.77 -11.19 0.41
CA GLY D 10 -15.35 -12.51 0.13
C GLY D 10 -14.57 -13.41 -0.79
N ASN D 11 -15.06 -14.63 -0.98
CA ASN D 11 -14.39 -15.58 -1.86
C ASN D 11 -14.35 -15.06 -3.29
N PRO D 12 -13.36 -15.50 -4.08
CA PRO D 12 -13.28 -15.03 -5.47
C PRO D 12 -14.60 -15.17 -6.22
N ASN D 13 -15.24 -14.02 -6.49
CA ASN D 13 -16.53 -13.94 -7.20
C ASN D 13 -16.76 -12.72 -8.10
N VAL D 14 -17.32 -12.97 -9.27
CA VAL D 14 -17.78 -11.90 -10.15
C VAL D 14 -19.06 -11.47 -9.48
N GLY D 15 -19.43 -12.25 -8.48
CA GLY D 15 -20.60 -11.98 -7.65
C GLY D 15 -20.34 -10.81 -6.73
N LYS D 16 -19.12 -10.72 -6.21
CA LYS D 16 -18.74 -9.60 -5.34
C LYS D 16 -18.68 -8.40 -6.29
N THR D 17 -18.26 -8.66 -7.53
CA THR D 17 -18.20 -7.62 -8.54
C THR D 17 -19.61 -7.17 -8.89
N THR D 18 -20.53 -8.13 -9.02
CA THR D 18 -21.91 -7.85 -9.35
C THR D 18 -22.54 -6.99 -8.27
N ILE D 19 -22.37 -7.40 -7.02
CA ILE D 19 -22.91 -6.62 -5.91
C ILE D 19 -22.33 -5.22 -5.95
N PHE D 20 -21.06 -5.13 -6.31
CA PHE D 20 -20.36 -3.84 -6.37
C PHE D 20 -20.92 -2.91 -7.43
N ASN D 21 -21.08 -3.42 -8.66
CA ASN D 21 -21.62 -2.62 -9.75
C ASN D 21 -23.05 -2.20 -9.40
N ALA D 22 -23.70 -3.04 -8.61
CA ALA D 22 -25.08 -2.81 -8.16
C ALA D 22 -25.22 -1.67 -7.16
N LEU D 23 -24.14 -1.29 -6.50
CA LEU D 23 -24.20 -0.22 -5.52
C LEU D 23 -23.56 1.06 -5.99
N THR D 24 -22.68 0.96 -6.99
CA THR D 24 -21.95 2.11 -7.50
C THR D 24 -22.31 2.56 -8.91
N GLY D 25 -22.99 1.69 -9.66
CA GLY D 25 -23.35 2.06 -11.01
C GLY D 25 -22.08 2.35 -11.78
N LEU D 26 -22.10 3.42 -12.58
CA LEU D 26 -20.93 3.78 -13.38
C LEU D 26 -20.01 4.70 -12.58
N ARG D 27 -20.42 5.02 -11.36
CA ARG D 27 -19.63 5.91 -10.50
C ARG D 27 -18.49 5.13 -9.86
N GLN D 28 -17.56 4.69 -10.70
CA GLN D 28 -16.42 3.90 -10.24
C GLN D 28 -15.09 4.48 -10.68
N HIS D 29 -14.02 4.00 -10.06
CA HIS D 29 -12.67 4.42 -10.37
C HIS D 29 -11.80 3.17 -10.36
N VAL D 30 -10.74 3.17 -11.16
CA VAL D 30 -9.88 2.00 -11.18
C VAL D 30 -8.43 2.34 -11.01
N GLY D 31 -7.76 1.58 -10.15
CA GLY D 31 -6.35 1.77 -9.90
C GLY D 31 -5.70 0.45 -9.53
N ASN D 32 -4.79 0.49 -8.57
CA ASN D 32 -4.10 -0.69 -8.08
C ASN D 32 -3.75 -0.41 -6.62
N TRP D 33 -3.51 -1.45 -5.83
CA TRP D 33 -3.15 -1.25 -4.42
C TRP D 33 -1.67 -0.84 -4.29
N PRO D 34 -1.36 -0.04 -3.25
CA PRO D 34 0.01 0.44 -3.03
C PRO D 34 1.09 -0.58 -3.33
N GLY D 35 2.08 -0.13 -4.09
CA GLY D 35 3.20 -0.98 -4.46
C GLY D 35 2.93 -2.42 -4.87
N VAL D 36 1.85 -2.67 -5.60
CA VAL D 36 1.54 -4.03 -6.05
C VAL D 36 0.71 -4.02 -7.32
N THR D 37 0.75 -5.10 -8.07
CA THR D 37 -0.03 -5.19 -9.30
C THR D 37 -1.30 -5.95 -9.02
N VAL D 38 -2.22 -5.27 -8.36
CA VAL D 38 -3.51 -5.83 -8.01
C VAL D 38 -4.49 -4.70 -8.26
N GLU D 39 -5.50 -4.98 -9.08
CA GLU D 39 -6.51 -3.99 -9.43
C GLU D 39 -7.34 -3.57 -8.22
N LYS D 40 -7.61 -2.27 -8.11
CA LYS D 40 -8.38 -1.72 -7.01
C LYS D 40 -9.58 -0.92 -7.52
N LYS D 41 -10.78 -1.45 -7.33
CA LYS D 41 -11.98 -0.77 -7.79
C LYS D 41 -12.70 -0.08 -6.63
N GLU D 42 -13.14 1.16 -6.86
CA GLU D 42 -13.87 1.90 -5.83
C GLU D 42 -14.95 2.77 -6.46
N GLY D 43 -16.06 2.93 -5.73
CA GLY D 43 -17.15 3.74 -6.23
C GLY D 43 -17.99 4.40 -5.15
N ILE D 44 -18.95 5.21 -5.58
CA ILE D 44 -19.83 5.92 -4.67
C ILE D 44 -21.19 5.25 -4.65
N MET D 45 -21.65 4.89 -3.46
CA MET D 45 -22.96 4.26 -3.32
C MET D 45 -23.94 5.35 -2.92
N GLU D 46 -25.11 5.36 -3.53
CA GLU D 46 -26.12 6.37 -3.23
C GLU D 46 -27.37 5.76 -2.62
N TYR D 47 -27.86 6.40 -1.55
CA TYR D 47 -29.06 5.94 -0.85
C TYR D 47 -29.62 7.07 0.03
N ARG D 48 -30.77 7.62 -0.39
CA ARG D 48 -31.43 8.71 0.36
C ARG D 48 -30.53 9.93 0.43
N GLU D 49 -30.12 10.44 -0.74
CA GLU D 49 -29.22 11.59 -0.81
C GLU D 49 -28.25 11.51 0.36
N LYS D 50 -27.51 10.40 0.37
CA LYS D 50 -26.51 10.08 1.38
C LYS D 50 -25.50 9.26 0.59
N GLU D 51 -24.24 9.64 0.63
CA GLU D 51 -23.23 8.92 -0.13
C GLU D 51 -22.17 8.17 0.67
N PHE D 52 -21.75 7.05 0.11
CA PHE D 52 -20.75 6.18 0.71
C PHE D 52 -19.67 5.78 -0.29
N LEU D 53 -18.45 5.68 0.19
CA LEU D 53 -17.35 5.27 -0.67
C LEU D 53 -17.21 3.75 -0.49
N VAL D 54 -17.38 3.01 -1.58
CA VAL D 54 -17.29 1.56 -1.52
C VAL D 54 -15.98 1.07 -2.12
N VAL D 55 -15.24 0.30 -1.34
CA VAL D 55 -13.97 -0.26 -1.78
C VAL D 55 -14.12 -1.76 -1.90
N ASP D 56 -13.81 -2.29 -3.09
CA ASP D 56 -13.94 -3.72 -3.34
C ASP D 56 -12.62 -4.45 -3.12
N LEU D 57 -12.55 -5.23 -2.05
CA LEU D 57 -11.34 -5.97 -1.71
C LEU D 57 -11.12 -7.24 -2.56
N PRO D 58 -9.86 -7.64 -2.79
CA PRO D 58 -9.56 -8.83 -3.57
C PRO D 58 -10.20 -10.10 -2.99
N GLY D 59 -10.62 -11.01 -3.87
CA GLY D 59 -11.23 -12.25 -3.42
C GLY D 59 -10.23 -13.05 -2.62
N ILE D 60 -10.66 -13.54 -1.46
CA ILE D 60 -9.78 -14.30 -0.59
C ILE D 60 -10.55 -15.46 0.04
N TYR D 61 -9.81 -16.51 0.45
CA TYR D 61 -10.45 -17.66 1.09
C TYR D 61 -10.20 -17.62 2.57
N SER D 62 -9.25 -16.80 2.99
CA SER D 62 -8.91 -16.68 4.39
C SER D 62 -8.20 -15.36 4.68
N LEU D 63 -7.63 -15.28 5.88
CA LEU D 63 -6.93 -14.07 6.32
C LEU D 63 -5.55 -14.41 6.86
N THR D 64 -4.78 -15.14 6.07
CA THR D 64 -3.43 -15.55 6.45
C THR D 64 -2.42 -14.56 5.89
N ALA D 65 -1.15 -14.83 6.12
CA ALA D 65 -0.10 -13.94 5.62
C ALA D 65 0.52 -14.55 4.37
N HIS D 66 -0.17 -15.52 3.78
CA HIS D 66 0.32 -16.21 2.60
C HIS D 66 0.17 -15.58 1.23
N SER D 67 -0.66 -14.55 1.09
CA SER D 67 -0.80 -13.90 -0.22
C SER D 67 -1.03 -12.40 -0.12
N ILE D 68 -0.53 -11.68 -1.11
CA ILE D 68 -0.68 -10.23 -1.17
C ILE D 68 -2.14 -9.83 -0.97
N ASP D 69 -3.03 -10.59 -1.62
CA ASP D 69 -4.47 -10.31 -1.55
C ASP D 69 -5.02 -10.43 -0.14
N GLU D 70 -4.58 -11.46 0.59
CA GLU D 70 -5.05 -11.64 1.94
C GLU D 70 -4.58 -10.49 2.84
N LEU D 71 -3.32 -10.11 2.69
CA LEU D 71 -2.78 -9.04 3.51
C LEU D 71 -3.44 -7.68 3.20
N ILE D 72 -3.85 -7.49 1.96
CA ILE D 72 -4.52 -6.24 1.59
C ILE D 72 -5.85 -6.18 2.37
N ALA D 73 -6.59 -7.28 2.36
CA ALA D 73 -7.88 -7.34 3.06
C ALA D 73 -7.69 -7.21 4.57
N ARG D 74 -6.69 -7.90 5.10
CA ARG D 74 -6.40 -7.84 6.53
C ARG D 74 -6.06 -6.43 6.97
N ASN D 75 -5.07 -5.83 6.34
CA ASN D 75 -4.63 -4.48 6.71
C ASN D 75 -5.71 -3.41 6.55
N PHE D 76 -6.49 -3.49 5.48
CA PHE D 76 -7.52 -2.49 5.27
C PHE D 76 -8.51 -2.51 6.44
N ILE D 77 -8.90 -3.71 6.86
CA ILE D 77 -9.84 -3.85 7.96
C ILE D 77 -9.22 -3.62 9.33
N LEU D 78 -8.06 -4.22 9.60
CA LEU D 78 -7.41 -4.05 10.89
C LEU D 78 -7.00 -2.61 11.23
N ASP D 79 -6.74 -1.80 10.21
CA ASP D 79 -6.33 -0.41 10.44
C ASP D 79 -7.51 0.55 10.47
N GLY D 80 -8.72 0.00 10.56
CA GLY D 80 -9.92 0.81 10.62
C GLY D 80 -10.24 1.65 9.40
N ASN D 81 -9.99 1.11 8.21
CA ASN D 81 -10.27 1.86 6.99
C ASN D 81 -11.67 1.59 6.51
N ALA D 82 -12.33 0.63 7.14
CA ALA D 82 -13.68 0.31 6.73
C ALA D 82 -14.71 0.54 7.82
N ASP D 83 -15.64 1.46 7.54
CA ASP D 83 -16.69 1.79 8.48
C ASP D 83 -17.76 0.70 8.50
N VAL D 84 -17.90 0.02 7.37
CA VAL D 84 -18.85 -1.07 7.23
C VAL D 84 -18.18 -2.15 6.38
N ILE D 85 -18.24 -3.40 6.85
CA ILE D 85 -17.67 -4.52 6.12
C ILE D 85 -18.83 -5.36 5.60
N VAL D 86 -18.87 -5.59 4.30
CA VAL D 86 -19.94 -6.38 3.71
C VAL D 86 -19.35 -7.69 3.19
N ASP D 87 -19.60 -8.76 3.94
CA ASP D 87 -19.14 -10.11 3.63
C ASP D 87 -20.13 -10.79 2.68
N ILE D 88 -19.72 -11.01 1.43
CA ILE D 88 -20.56 -11.64 0.43
C ILE D 88 -20.23 -13.13 0.31
N VAL D 89 -21.22 -13.96 0.61
CA VAL D 89 -21.05 -15.42 0.62
C VAL D 89 -21.87 -16.26 -0.37
N ASP D 90 -21.20 -16.96 -1.27
CA ASP D 90 -21.88 -17.84 -2.23
C ASP D 90 -22.70 -18.83 -1.40
N SER D 91 -24.02 -18.79 -1.52
CA SER D 91 -24.89 -19.67 -0.75
C SER D 91 -24.86 -21.15 -1.12
N THR D 92 -24.28 -21.47 -2.27
CA THR D 92 -24.23 -22.86 -2.70
C THR D 92 -23.10 -23.66 -2.04
N CYS D 93 -22.35 -23.04 -1.13
CA CYS D 93 -21.26 -23.73 -0.45
C CYS D 93 -20.88 -23.00 0.83
N LEU D 94 -21.83 -22.92 1.76
CA LEU D 94 -21.63 -22.22 3.03
C LEU D 94 -20.39 -22.58 3.82
N MET D 95 -20.06 -23.86 3.91
CA MET D 95 -18.89 -24.28 4.68
C MET D 95 -17.61 -23.59 4.21
N ARG D 96 -17.33 -23.58 2.92
CA ARG D 96 -16.11 -22.94 2.44
C ARG D 96 -16.16 -21.42 2.52
N ASN D 97 -17.34 -20.84 2.44
CA ASN D 97 -17.46 -19.39 2.49
C ASN D 97 -17.44 -18.78 3.89
N LEU D 98 -18.09 -19.46 4.85
CA LEU D 98 -18.15 -18.98 6.22
C LEU D 98 -16.81 -19.09 6.95
N PHE D 99 -15.87 -19.82 6.36
CA PHE D 99 -14.55 -19.96 6.97
C PHE D 99 -13.92 -18.59 6.97
N LEU D 100 -13.99 -17.88 5.84
CA LEU D 100 -13.44 -16.54 5.80
C LEU D 100 -14.29 -15.67 6.71
N THR D 101 -15.57 -15.99 6.80
CA THR D 101 -16.46 -15.23 7.65
C THR D 101 -16.05 -15.38 9.11
N LEU D 102 -15.72 -16.62 9.49
CA LEU D 102 -15.34 -16.86 10.86
C LEU D 102 -14.06 -16.12 11.15
N GLU D 103 -13.16 -16.04 10.17
CA GLU D 103 -11.92 -15.33 10.42
C GLU D 103 -12.10 -13.83 10.54
N LEU D 104 -13.14 -13.27 9.93
CA LEU D 104 -13.38 -11.84 10.06
C LEU D 104 -13.87 -11.60 11.49
N PHE D 105 -14.73 -12.49 11.96
CA PHE D 105 -15.25 -12.36 13.31
C PHE D 105 -14.13 -12.40 14.36
N GLU D 106 -13.17 -13.30 14.17
CA GLU D 106 -12.08 -13.43 15.12
C GLU D 106 -11.17 -12.21 15.13
N MET D 107 -11.21 -11.41 14.07
CA MET D 107 -10.41 -10.19 14.00
C MET D 107 -11.13 -9.10 14.81
N GLU D 108 -12.15 -9.50 15.55
CA GLU D 108 -12.94 -8.60 16.39
C GLU D 108 -13.59 -7.40 15.70
N VAL D 109 -14.15 -7.59 14.50
CA VAL D 109 -14.82 -6.49 13.81
C VAL D 109 -16.36 -6.60 13.88
N LYS D 110 -16.96 -5.72 14.68
CA LYS D 110 -18.40 -5.66 14.88
C LYS D 110 -19.31 -5.24 13.71
N ASN D 111 -18.88 -4.22 12.96
CA ASN D 111 -19.72 -3.59 11.95
C ASN D 111 -19.71 -4.38 10.65
N ILE D 112 -20.19 -5.62 10.71
CA ILE D 112 -20.19 -6.48 9.53
C ILE D 112 -21.58 -6.98 9.11
N ILE D 113 -21.81 -7.10 7.79
CA ILE D 113 -23.06 -7.56 7.23
C ILE D 113 -22.83 -8.74 6.29
N LEU D 114 -23.50 -9.85 6.56
CA LEU D 114 -23.36 -11.05 5.74
C LEU D 114 -24.39 -11.06 4.63
N VAL D 115 -23.93 -11.28 3.41
CA VAL D 115 -24.84 -11.32 2.28
C VAL D 115 -24.85 -12.68 1.57
N LEU D 116 -25.94 -13.41 1.74
CA LEU D 116 -26.09 -14.72 1.11
C LEU D 116 -26.56 -14.51 -0.34
N ASN D 117 -25.61 -14.28 -1.23
CA ASN D 117 -25.91 -14.05 -2.63
C ASN D 117 -26.15 -15.38 -3.31
N LYS D 118 -26.41 -15.36 -4.62
CA LYS D 118 -26.67 -16.57 -5.38
C LYS D 118 -27.70 -17.39 -4.61
N PHE D 119 -28.61 -16.69 -3.94
CA PHE D 119 -29.64 -17.37 -3.16
C PHE D 119 -30.57 -18.14 -4.09
N ASP D 120 -30.67 -17.66 -5.33
CA ASP D 120 -31.53 -18.30 -6.32
C ASP D 120 -31.00 -19.70 -6.62
N LEU D 121 -29.69 -19.81 -6.81
CA LEU D 121 -29.08 -21.10 -7.11
C LEU D 121 -29.26 -22.09 -5.96
N LEU D 122 -29.81 -21.64 -4.84
CA LEU D 122 -30.00 -22.51 -3.70
C LEU D 122 -31.39 -23.11 -3.63
N LYS D 123 -32.32 -22.38 -3.02
CA LYS D 123 -33.71 -22.86 -2.88
C LYS D 123 -34.25 -23.49 -4.16
N LYS D 124 -33.70 -23.05 -5.30
CA LYS D 124 -34.12 -23.57 -6.60
C LYS D 124 -33.67 -25.02 -6.74
N LYS D 125 -32.46 -25.32 -6.29
CA LYS D 125 -31.93 -26.68 -6.35
C LYS D 125 -32.40 -27.42 -5.10
N GLY D 126 -33.54 -27.00 -4.58
CA GLY D 126 -34.12 -27.62 -3.40
C GLY D 126 -33.29 -27.57 -2.14
N ALA D 127 -33.00 -26.38 -1.64
CA ALA D 127 -32.21 -26.22 -0.42
C ALA D 127 -32.93 -25.27 0.55
N LYS D 128 -33.18 -25.75 1.77
CA LYS D 128 -33.88 -24.96 2.76
C LYS D 128 -32.99 -24.34 3.83
N ILE D 129 -32.71 -23.04 3.71
CA ILE D 129 -31.90 -22.35 4.68
C ILE D 129 -32.75 -21.43 5.54
N ASP D 130 -32.73 -21.69 6.84
CA ASP D 130 -33.49 -20.90 7.80
C ASP D 130 -32.74 -19.59 8.05
N ILE D 131 -33.07 -18.57 7.26
CA ILE D 131 -32.39 -17.29 7.39
C ILE D 131 -32.51 -16.63 8.77
N LYS D 132 -33.63 -16.84 9.45
CA LYS D 132 -33.78 -16.26 10.79
C LYS D 132 -32.82 -16.96 11.75
N LYS D 133 -32.54 -18.22 11.48
CA LYS D 133 -31.65 -19.02 12.33
C LYS D 133 -30.23 -18.44 12.29
N MET D 134 -29.73 -18.17 11.08
CA MET D 134 -28.40 -17.61 10.93
C MET D 134 -28.28 -16.30 11.71
N ARG D 135 -29.13 -15.32 11.39
CA ARG D 135 -29.08 -14.01 12.05
C ARG D 135 -28.94 -14.10 13.56
N LYS D 136 -29.37 -15.20 14.17
CA LYS D 136 -29.26 -15.28 15.62
C LYS D 136 -28.01 -16.04 16.03
N GLU D 137 -27.67 -17.10 15.30
CA GLU D 137 -26.48 -17.89 15.62
C GLU D 137 -25.20 -17.16 15.24
N LEU D 138 -25.08 -16.76 13.98
CA LEU D 138 -23.88 -16.06 13.53
C LEU D 138 -23.69 -14.76 14.29
N GLY D 139 -24.78 -14.05 14.56
CA GLY D 139 -24.68 -12.82 15.33
C GLY D 139 -24.62 -11.52 14.55
N VAL D 140 -25.02 -11.56 13.28
CA VAL D 140 -24.99 -10.36 12.46
C VAL D 140 -26.16 -10.36 11.50
N PRO D 141 -26.38 -9.25 10.80
CA PRO D 141 -27.49 -9.23 9.85
C PRO D 141 -27.17 -10.16 8.69
N VAL D 142 -28.18 -10.82 8.14
CA VAL D 142 -27.96 -11.74 7.03
C VAL D 142 -28.94 -11.49 5.90
N ILE D 143 -28.55 -10.67 4.93
CA ILE D 143 -29.41 -10.33 3.81
C ILE D 143 -29.29 -11.23 2.58
N PRO D 144 -30.36 -12.00 2.25
CA PRO D 144 -30.43 -12.93 1.11
C PRO D 144 -30.53 -12.12 -0.18
N THR D 145 -29.74 -12.47 -1.20
CA THR D 145 -29.80 -11.69 -2.44
C THR D 145 -29.46 -12.42 -3.73
N ASN D 146 -29.91 -11.83 -4.85
CA ASN D 146 -29.65 -12.35 -6.19
C ASN D 146 -29.04 -11.17 -6.95
N ALA D 147 -27.72 -11.20 -7.10
CA ALA D 147 -27.00 -10.12 -7.76
C ALA D 147 -27.23 -9.96 -9.27
N LYS D 148 -27.23 -11.06 -10.01
CA LYS D 148 -27.41 -10.96 -11.46
C LYS D 148 -28.80 -10.43 -11.81
N LYS D 149 -29.68 -10.36 -10.81
CA LYS D 149 -31.04 -9.85 -11.00
C LYS D 149 -31.40 -8.85 -9.90
N GLY D 150 -30.42 -8.06 -9.48
CA GLY D 150 -30.60 -7.05 -8.46
C GLY D 150 -31.67 -7.20 -7.38
N GLU D 151 -31.85 -8.38 -6.83
CA GLU D 151 -32.86 -8.59 -5.79
C GLU D 151 -32.27 -8.48 -4.39
N GLY D 152 -32.98 -7.80 -3.50
CA GLY D 152 -32.48 -7.64 -2.15
C GLY D 152 -31.43 -6.55 -2.07
N VAL D 153 -30.91 -6.14 -3.22
CA VAL D 153 -29.90 -5.10 -3.29
C VAL D 153 -30.31 -3.86 -2.50
N GLU D 154 -31.53 -3.40 -2.72
CA GLU D 154 -32.00 -2.20 -2.02
C GLU D 154 -31.98 -2.44 -0.52
N GLU D 155 -32.30 -3.65 -0.10
CA GLU D 155 -32.30 -3.97 1.33
C GLU D 155 -30.88 -3.91 1.89
N LEU D 156 -29.92 -4.36 1.09
CA LEU D 156 -28.52 -4.33 1.51
C LEU D 156 -28.14 -2.89 1.80
N LYS D 157 -28.45 -1.99 0.86
CA LYS D 157 -28.15 -0.56 1.02
C LYS D 157 -28.81 -0.06 2.28
N ARG D 158 -30.01 -0.55 2.56
CA ARG D 158 -30.77 -0.14 3.74
C ARG D 158 -29.97 -0.45 5.01
N MET D 159 -29.49 -1.68 5.10
CA MET D 159 -28.71 -2.14 6.26
C MET D 159 -27.37 -1.39 6.33
N ILE D 160 -26.70 -1.24 5.19
CA ILE D 160 -25.42 -0.53 5.10
C ILE D 160 -25.57 0.79 5.87
N ALA D 161 -26.48 1.63 5.37
CA ALA D 161 -26.76 2.93 5.97
C ALA D 161 -27.09 2.80 7.46
N LEU D 162 -28.01 1.91 7.80
CA LEU D 162 -28.33 1.72 9.19
C LEU D 162 -27.04 1.40 9.94
N MET D 163 -26.27 0.45 9.40
CA MET D 163 -24.99 0.01 9.98
C MET D 163 -24.08 1.21 10.24
N ALA D 164 -23.92 2.07 9.22
CA ALA D 164 -23.07 3.25 9.35
C ALA D 164 -23.60 4.21 10.41
N GLU D 165 -24.92 4.32 10.49
CA GLU D 165 -25.57 5.19 11.47
C GLU D 165 -25.39 4.66 12.89
N GLY D 166 -24.70 3.52 13.02
CA GLY D 166 -24.48 2.94 14.33
C GLY D 166 -25.77 2.43 14.97
N LYS D 167 -26.77 2.19 14.12
CA LYS D 167 -28.07 1.71 14.59
C LYS D 167 -28.17 0.19 14.72
N VAL D 168 -27.49 -0.56 13.86
CA VAL D 168 -27.53 -2.02 13.94
C VAL D 168 -26.56 -2.51 15.01
N THR D 169 -27.01 -3.44 15.83
CA THR D 169 -26.16 -3.98 16.87
C THR D 169 -25.72 -5.37 16.40
N THR D 170 -24.57 -5.83 16.88
CA THR D 170 -24.04 -7.13 16.48
C THR D 170 -23.23 -7.80 17.57
N ASN D 171 -23.02 -9.10 17.41
CA ASN D 171 -22.24 -9.87 18.35
C ASN D 171 -21.85 -11.15 17.63
N PRO D 172 -20.88 -11.05 16.69
CA PRO D 172 -20.39 -12.18 15.90
C PRO D 172 -19.96 -13.34 16.79
N ILE D 173 -20.39 -14.54 16.43
CA ILE D 173 -20.05 -15.71 17.22
C ILE D 173 -18.55 -15.99 17.13
N ILE D 174 -17.92 -16.22 18.29
CA ILE D 174 -16.50 -16.48 18.34
C ILE D 174 -16.17 -17.94 18.59
N PRO D 175 -15.47 -18.58 17.64
CA PRO D 175 -15.08 -20.00 17.74
C PRO D 175 -14.21 -20.26 18.95
N ARG D 176 -14.41 -21.41 19.59
CA ARG D 176 -13.61 -21.82 20.74
C ARG D 176 -12.87 -23.09 20.38
N TYR D 177 -11.56 -23.09 20.61
CA TYR D 177 -10.72 -24.24 20.27
C TYR D 177 -10.66 -25.22 21.45
N ASP D 178 -9.97 -26.35 21.25
CA ASP D 178 -9.85 -27.34 22.32
C ASP D 178 -9.03 -26.78 23.48
N GLU D 179 -9.25 -27.30 24.68
CA GLU D 179 -8.55 -26.79 25.85
C GLU D 179 -7.06 -26.54 25.78
N ASP D 180 -6.34 -27.28 24.94
CA ASP D 180 -4.90 -27.05 24.84
C ASP D 180 -4.59 -25.73 24.14
N ILE D 181 -5.23 -25.50 23.01
CA ILE D 181 -5.02 -24.26 22.28
C ILE D 181 -5.47 -23.08 23.14
N GLU D 182 -6.63 -23.21 23.79
CA GLU D 182 -7.14 -22.16 24.65
C GLU D 182 -6.18 -21.89 25.81
N ARG D 183 -5.57 -22.95 26.33
CA ARG D 183 -4.63 -22.82 27.41
C ARG D 183 -3.53 -21.86 26.95
N GLU D 184 -2.98 -22.15 25.77
CA GLU D 184 -1.94 -21.33 25.20
C GLU D 184 -2.40 -19.96 24.73
N ILE D 185 -3.66 -19.81 24.35
CA ILE D 185 -4.14 -18.50 23.93
C ILE D 185 -4.16 -17.65 25.20
N LYS D 186 -4.55 -18.29 26.29
CA LYS D 186 -4.61 -17.62 27.59
C LYS D 186 -3.23 -17.07 27.94
N HIS D 187 -2.20 -17.90 27.79
CA HIS D 187 -0.82 -17.50 28.08
C HIS D 187 -0.30 -16.34 27.23
N ILE D 188 -0.36 -16.48 25.91
CA ILE D 188 0.11 -15.42 25.02
C ILE D 188 -0.59 -14.12 25.40
N SER D 189 -1.90 -14.20 25.62
CA SER D 189 -2.68 -13.03 25.99
C SER D 189 -2.13 -12.31 27.22
N GLU D 190 -1.90 -13.06 28.30
CA GLU D 190 -1.39 -12.45 29.51
C GLU D 190 -0.05 -11.74 29.26
N LEU D 191 0.77 -12.29 28.36
CA LEU D 191 2.06 -11.70 28.01
C LEU D 191 1.89 -10.47 27.12
N LEU D 192 0.78 -10.42 26.38
CA LEU D 192 0.52 -9.29 25.49
C LEU D 192 -0.26 -8.20 26.20
N ARG D 193 -0.98 -8.61 27.23
CA ARG D 193 -1.81 -7.72 28.03
C ARG D 193 -1.13 -6.42 28.48
N GLY D 194 -1.83 -5.32 28.27
CA GLY D 194 -1.33 -4.03 28.68
C GLY D 194 -0.40 -3.33 27.72
N THR D 195 0.28 -4.08 26.87
CA THR D 195 1.22 -3.52 25.90
C THR D 195 0.52 -2.63 24.87
N PRO D 196 1.25 -1.64 24.33
CA PRO D 196 0.59 -0.80 23.33
C PRO D 196 0.09 -1.67 22.18
N LEU D 197 0.78 -2.77 21.92
CA LEU D 197 0.38 -3.66 20.83
C LEU D 197 -1.02 -4.19 21.09
N ALA D 198 -1.26 -4.62 22.33
CA ALA D 198 -2.56 -5.16 22.70
C ALA D 198 -3.65 -4.11 22.57
N GLU D 199 -3.21 -2.85 22.60
CA GLU D 199 -4.14 -1.74 22.53
C GLU D 199 -4.57 -1.44 21.10
N LYS D 200 -3.67 -1.63 20.14
CA LYS D 200 -3.98 -1.35 18.76
C LYS D 200 -4.63 -2.50 18.01
N TYR D 201 -4.31 -3.73 18.39
CA TYR D 201 -4.85 -4.89 17.71
C TYR D 201 -5.59 -5.80 18.66
N PRO D 202 -6.54 -6.59 18.13
CA PRO D 202 -7.31 -7.51 18.95
C PRO D 202 -6.39 -8.57 19.59
N ILE D 203 -6.28 -8.53 20.91
CA ILE D 203 -5.44 -9.44 21.65
C ILE D 203 -5.66 -10.94 21.37
N ARG D 204 -6.91 -11.33 21.16
CA ARG D 204 -7.23 -12.73 20.86
C ARG D 204 -6.66 -13.11 19.50
N TRP D 205 -6.88 -12.20 18.55
CA TRP D 205 -6.42 -12.38 17.19
C TRP D 205 -4.92 -12.54 17.20
N LEU D 206 -4.26 -11.59 17.84
CA LEU D 206 -2.81 -11.61 17.95
C LEU D 206 -2.35 -12.97 18.44
N ALA D 207 -3.02 -13.49 19.46
CA ALA D 207 -2.65 -14.79 20.01
C ALA D 207 -2.83 -15.94 19.02
N LEU D 208 -3.97 -15.97 18.35
CA LEU D 208 -4.21 -17.05 17.38
C LEU D 208 -3.20 -17.01 16.24
N LYS D 209 -2.84 -15.79 15.82
CA LYS D 209 -1.88 -15.63 14.72
C LYS D 209 -0.51 -16.06 15.21
N LEU D 210 -0.19 -15.70 16.44
CA LEU D 210 1.07 -16.07 17.02
C LEU D 210 1.26 -17.60 17.02
N LEU D 211 0.22 -18.34 17.38
CA LEU D 211 0.29 -19.81 17.42
C LEU D 211 0.46 -20.44 16.03
N GLN D 212 0.04 -19.73 15.01
CA GLN D 212 0.17 -20.22 13.64
C GLN D 212 1.41 -19.61 12.98
N ARG D 213 2.28 -19.01 13.80
CA ARG D 213 3.51 -18.37 13.32
C ARG D 213 3.25 -17.49 12.13
N ASP D 214 2.25 -16.63 12.26
CA ASP D 214 1.90 -15.71 11.20
C ASP D 214 3.07 -14.76 10.97
N GLU D 215 3.59 -14.76 9.75
CA GLU D 215 4.73 -13.92 9.36
C GLU D 215 4.64 -12.48 9.84
N GLU D 216 3.53 -11.84 9.51
CA GLU D 216 3.33 -10.44 9.85
C GLU D 216 3.17 -10.14 11.34
N VAL D 217 2.46 -11.00 12.05
CA VAL D 217 2.26 -10.78 13.47
C VAL D 217 3.58 -10.99 14.20
N ILE D 218 4.36 -11.98 13.78
CA ILE D 218 5.65 -12.20 14.41
C ILE D 218 6.56 -10.97 14.21
N LYS D 219 6.55 -10.37 13.02
CA LYS D 219 7.38 -9.19 12.78
C LYS D 219 6.91 -8.07 13.66
N LEU D 220 5.60 -8.00 13.83
CA LEU D 220 4.98 -6.95 14.64
C LEU D 220 5.38 -7.09 16.10
N VAL D 221 5.09 -8.24 16.68
CA VAL D 221 5.42 -8.48 18.07
C VAL D 221 6.88 -8.17 18.35
N LEU D 222 7.75 -8.65 17.48
CA LEU D 222 9.19 -8.44 17.65
C LEU D 222 9.62 -6.98 17.57
N LYS D 223 8.88 -6.18 16.81
CA LYS D 223 9.21 -4.77 16.65
C LYS D 223 8.76 -3.87 17.80
N TYR D 224 7.77 -4.31 18.58
CA TYR D 224 7.24 -3.52 19.70
C TYR D 224 7.62 -4.08 21.06
N LEU D 225 7.67 -5.40 21.16
CA LEU D 225 8.06 -6.05 22.40
C LEU D 225 9.51 -6.48 22.20
N GLY D 226 10.21 -6.83 23.27
CA GLY D 226 11.58 -7.24 23.09
C GLY D 226 11.73 -8.62 22.46
N GLN D 227 12.92 -8.90 21.92
CA GLN D 227 13.20 -10.20 21.35
C GLN D 227 13.02 -11.19 22.50
N GLU D 228 13.16 -10.70 23.73
CA GLU D 228 13.00 -11.54 24.92
C GLU D 228 11.54 -11.96 25.09
N LYS D 229 10.62 -11.06 24.77
CA LYS D 229 9.20 -11.36 24.87
C LYS D 229 8.92 -12.45 23.83
N MET D 230 9.32 -12.17 22.59
CA MET D 230 9.11 -13.10 21.49
C MET D 230 9.62 -14.50 21.83
N ASP D 231 10.72 -14.58 22.58
CA ASP D 231 11.25 -15.87 22.96
C ASP D 231 10.28 -16.59 23.90
N GLU D 232 9.62 -15.86 24.79
CA GLU D 232 8.69 -16.53 25.70
C GLU D 232 7.44 -16.99 24.96
N ILE D 233 6.97 -16.17 24.02
CA ILE D 233 5.79 -16.53 23.25
C ILE D 233 6.12 -17.73 22.37
N LEU D 234 7.31 -17.68 21.78
CA LEU D 234 7.82 -18.75 20.92
C LEU D 234 7.92 -20.09 21.67
N LYS D 235 8.41 -20.05 22.90
CA LYS D 235 8.56 -21.25 23.70
C LYS D 235 7.18 -21.88 23.92
N HIS D 236 6.17 -21.03 24.04
CA HIS D 236 4.81 -21.49 24.23
C HIS D 236 4.30 -22.13 22.94
N ILE D 237 4.58 -21.46 21.83
CA ILE D 237 4.18 -21.96 20.53
C ILE D 237 4.81 -23.33 20.30
N SER D 238 6.07 -23.50 20.68
CA SER D 238 6.76 -24.77 20.49
C SER D 238 6.14 -25.90 21.32
N GLU D 239 5.71 -25.57 22.53
CA GLU D 239 5.11 -26.55 23.42
C GLU D 239 3.75 -27.03 22.94
N LEU D 240 2.96 -26.14 22.35
CA LEU D 240 1.67 -26.54 21.84
C LEU D 240 1.89 -27.44 20.62
N GLU D 241 2.76 -27.00 19.71
CA GLU D 241 3.04 -27.76 18.50
C GLU D 241 3.37 -29.22 18.76
N GLU D 242 4.01 -29.51 19.88
CA GLU D 242 4.40 -30.90 20.14
C GLU D 242 3.28 -31.86 20.53
N LYS D 243 2.04 -31.38 20.57
CA LYS D 243 0.93 -32.27 20.95
C LYS D 243 0.05 -32.62 19.76
N TYR D 244 0.40 -32.12 18.59
CA TYR D 244 -0.38 -32.39 17.39
C TYR D 244 0.49 -32.94 16.28
N LYS D 245 -0.01 -33.97 15.62
CA LYS D 245 0.67 -34.63 14.52
C LYS D 245 0.92 -33.62 13.37
N ARG D 246 -0.10 -32.81 13.06
CA ARG D 246 0.01 -31.83 11.96
C ARG D 246 0.30 -30.42 12.46
N PRO D 247 0.51 -29.46 11.54
CA PRO D 247 0.79 -28.07 11.91
C PRO D 247 -0.43 -27.40 12.53
N LEU D 248 -0.19 -26.46 13.44
CA LEU D 248 -1.28 -25.76 14.11
C LEU D 248 -2.29 -25.06 13.20
N ASP D 249 -1.81 -24.45 12.12
CA ASP D 249 -2.71 -23.75 11.21
C ASP D 249 -3.73 -24.71 10.58
N ILE D 250 -3.34 -25.98 10.41
CA ILE D 250 -4.25 -26.95 9.87
C ILE D 250 -5.23 -27.39 10.97
N VAL D 251 -4.68 -27.61 12.17
CA VAL D 251 -5.47 -28.03 13.32
C VAL D 251 -6.50 -26.97 13.68
N ILE D 252 -6.05 -25.72 13.72
CA ILE D 252 -6.91 -24.60 14.05
C ILE D 252 -7.95 -24.38 12.96
N ALA D 253 -7.58 -24.61 11.71
CA ALA D 253 -8.54 -24.41 10.64
C ALA D 253 -9.60 -25.51 10.74
N SER D 254 -9.16 -26.73 11.03
CA SER D 254 -10.07 -27.87 11.14
C SER D 254 -11.06 -27.69 12.28
N GLN D 255 -10.69 -26.90 13.28
CA GLN D 255 -11.60 -26.70 14.39
C GLN D 255 -12.65 -25.65 14.06
N LYS D 256 -12.35 -24.81 13.09
CA LYS D 256 -13.30 -23.81 12.66
C LYS D 256 -14.26 -24.52 11.72
N TYR D 257 -13.76 -25.55 11.02
CA TYR D 257 -14.58 -26.32 10.10
C TYR D 257 -15.54 -27.25 10.85
N GLU D 258 -15.14 -27.68 12.04
CA GLU D 258 -16.00 -28.54 12.83
C GLU D 258 -17.05 -27.66 13.47
N PHE D 259 -16.68 -26.40 13.70
CA PHE D 259 -17.60 -25.44 14.28
C PHE D 259 -18.70 -25.11 13.28
N LEU D 260 -18.32 -25.01 12.00
CA LEU D 260 -19.29 -24.71 10.96
C LEU D 260 -20.22 -25.90 10.66
N GLU D 261 -19.69 -27.13 10.72
CA GLU D 261 -20.50 -28.31 10.47
C GLU D 261 -21.66 -28.31 11.46
N GLN D 262 -21.36 -27.90 12.69
CA GLN D 262 -22.33 -27.79 13.77
C GLN D 262 -23.34 -26.66 13.52
N LEU D 263 -22.85 -25.54 13.01
CA LEU D 263 -23.72 -24.43 12.73
C LEU D 263 -24.67 -24.82 11.60
N LEU D 264 -24.10 -25.39 10.54
CA LEU D 264 -24.90 -25.82 9.40
C LEU D 264 -26.01 -26.83 9.74
N ARG D 265 -25.78 -27.68 10.74
CA ARG D 265 -26.82 -28.62 11.10
C ARG D 265 -28.03 -27.81 11.55
N LYS D 266 -27.79 -26.57 11.99
CA LYS D 266 -28.86 -25.70 12.45
C LYS D 266 -29.44 -24.74 11.38
N PHE D 267 -28.70 -24.49 10.29
CA PHE D 267 -29.23 -23.60 9.26
C PHE D 267 -29.91 -24.42 8.18
N VAL D 268 -29.15 -25.32 7.56
CA VAL D 268 -29.67 -26.19 6.51
C VAL D 268 -30.59 -27.20 7.21
N VAL D 269 -31.82 -27.30 6.72
CA VAL D 269 -32.77 -28.22 7.33
C VAL D 269 -33.68 -28.88 6.32
N HIS D 270 -34.32 -29.97 6.77
CA HIS D 270 -35.27 -30.76 5.97
C HIS D 270 -35.37 -32.16 6.54
#